data_8WKB
#
_entry.id   8WKB
#
_cell.length_a   101.242
_cell.length_b   102.680
_cell.length_c   116.922
_cell.angle_alpha   90.000
_cell.angle_beta   90.000
_cell.angle_gamma   90.000
#
_symmetry.space_group_name_H-M   'P 21 21 21'
#
loop_
_entity.id
_entity.type
_entity.pdbx_description
1 polymer '21 kDa seed protein-like'
2 non-polymer GLYCEROL
3 non-polymer 'CALCIUM ION'
4 water water
#
_entity_poly.entity_id   1
_entity_poly.type   'polypeptide(L)'
_entity_poly.pdbx_seq_one_letter_code
;KNEPVLDTDGDELRAGEQYYVVSAIWGGGGGGLALGRLTNQQCPEIVVQRRSDLDNGIPVVFYNLDSNDDTVRVSTDLNV
EFVPIRDRLCLTSTVWKVDNYDTSTGKWWVTTDGVIGNPGPHTLQSWFKIESGNLGYKFNFCPSVCESCITLCSDIGRYG
NDGQMRLALAESGWPFVFKKASSNIKQVVNAKN
;
_entity_poly.pdbx_strand_id   A,B,C,D
#
# COMPACT_ATOMS: atom_id res chain seq x y z
N LYS A 1 -30.36 -33.22 9.27
CA LYS A 1 -31.22 -32.24 8.63
C LYS A 1 -30.69 -31.88 7.23
N ASN A 2 -30.81 -30.62 6.85
CA ASN A 2 -30.31 -30.16 5.56
C ASN A 2 -28.79 -30.04 5.58
N GLU A 3 -28.20 -30.04 4.38
CA GLU A 3 -26.75 -29.96 4.24
C GLU A 3 -26.23 -28.68 4.90
N PRO A 4 -25.17 -28.76 5.71
CA PRO A 4 -24.68 -27.56 6.40
C PRO A 4 -23.93 -26.63 5.44
N VAL A 5 -24.07 -25.33 5.69
CA VAL A 5 -23.31 -24.33 4.97
C VAL A 5 -21.85 -24.38 5.42
N LEU A 6 -20.92 -24.30 4.47
CA LEU A 6 -19.50 -24.32 4.81
C LEU A 6 -18.83 -22.96 4.56
N ASP A 7 -17.86 -22.61 5.42
CA ASP A 7 -17.08 -21.40 5.22
C ASP A 7 -15.91 -21.69 4.28
N THR A 8 -15.01 -20.71 4.11
CA THR A 8 -13.90 -20.87 3.17
C THR A 8 -12.81 -21.82 3.65
N ASP A 9 -12.80 -22.17 4.94
CA ASP A 9 -11.87 -23.15 5.50
C ASP A 9 -12.43 -24.59 5.47
N GLY A 10 -13.62 -24.79 4.89
CA GLY A 10 -14.28 -26.07 4.91
C GLY A 10 -15.06 -26.37 6.18
N ASP A 11 -15.03 -25.51 7.18
CA ASP A 11 -15.79 -25.73 8.40
C ASP A 11 -17.24 -25.32 8.19
N GLU A 12 -18.15 -25.99 8.90
CA GLU A 12 -19.56 -25.63 8.81
C GLU A 12 -19.82 -24.31 9.55
N LEU A 13 -20.70 -23.49 9.00
CA LEU A 13 -21.11 -22.26 9.67
C LEU A 13 -21.87 -22.58 10.95
N ARG A 14 -21.60 -21.80 12.00
CA ARG A 14 -22.25 -21.96 13.28
C ARG A 14 -23.00 -20.69 13.64
N ALA A 15 -24.30 -20.83 13.90
CA ALA A 15 -25.12 -19.71 14.33
C ALA A 15 -24.49 -19.06 15.56
N GLY A 16 -24.43 -17.74 15.55
CA GLY A 16 -23.85 -16.99 16.64
C GLY A 16 -22.41 -16.58 16.45
N GLU A 17 -21.77 -17.05 15.37
CA GLU A 17 -20.39 -16.67 15.09
C GLU A 17 -20.34 -15.76 13.86
N GLN A 18 -19.25 -15.03 13.75
CA GLN A 18 -19.14 -13.91 12.81
C GLN A 18 -18.45 -14.34 11.53
N TYR A 19 -19.05 -13.99 10.41
CA TYR A 19 -18.53 -14.28 9.09
C TYR A 19 -18.64 -13.05 8.21
N TYR A 20 -17.57 -12.78 7.45
CA TYR A 20 -17.68 -11.84 6.35
C TYR A 20 -18.40 -12.52 5.19
N VAL A 21 -19.27 -11.79 4.51
CA VAL A 21 -19.95 -12.30 3.33
C VAL A 21 -19.28 -11.67 2.12
N VAL A 22 -18.37 -12.43 1.52
CA VAL A 22 -17.55 -11.91 0.41
C VAL A 22 -18.01 -12.52 -0.90
N SER A 23 -17.77 -11.80 -1.98
CA SER A 23 -18.15 -12.28 -3.30
C SER A 23 -17.34 -13.53 -3.62
N ALA A 24 -18.01 -14.54 -4.17
CA ALA A 24 -17.33 -15.79 -4.48
C ALA A 24 -16.36 -15.66 -5.64
N ILE A 25 -16.63 -14.74 -6.57
CA ILE A 25 -15.79 -14.57 -7.74
C ILE A 25 -14.48 -13.89 -7.35
N TRP A 26 -13.36 -14.51 -7.73
CA TRP A 26 -12.03 -13.98 -7.46
C TRP A 26 -11.48 -13.35 -8.74
N GLY A 27 -11.28 -12.03 -8.70
CA GLY A 27 -10.91 -11.27 -9.87
C GLY A 27 -12.10 -10.48 -10.38
N GLY A 28 -12.13 -9.18 -10.10
CA GLY A 28 -13.26 -8.35 -10.44
C GLY A 28 -14.52 -8.60 -9.62
N GLY A 29 -14.42 -9.30 -8.49
CA GLY A 29 -15.61 -9.78 -7.81
C GLY A 29 -16.24 -8.79 -6.86
N GLY A 30 -15.51 -7.76 -6.46
CA GLY A 30 -15.94 -6.90 -5.38
C GLY A 30 -15.51 -7.48 -4.05
N GLY A 31 -15.84 -6.75 -2.99
CA GLY A 31 -15.50 -7.13 -1.64
C GLY A 31 -16.68 -7.74 -0.90
N GLY A 32 -16.65 -7.61 0.42
CA GLY A 32 -17.71 -8.13 1.27
C GLY A 32 -18.91 -7.20 1.38
N LEU A 33 -19.85 -7.62 2.22
CA LEU A 33 -21.08 -6.88 2.39
C LEU A 33 -20.97 -5.95 3.58
N ALA A 34 -21.72 -4.86 3.54
CA ALA A 34 -21.56 -3.81 4.55
C ALA A 34 -22.81 -2.95 4.59
N LEU A 35 -22.76 -1.90 5.41
CA LEU A 35 -23.86 -0.95 5.60
C LEU A 35 -23.57 0.34 4.83
N GLY A 36 -24.62 0.91 4.24
CA GLY A 36 -24.53 2.17 3.53
C GLY A 36 -25.79 2.98 3.78
N ARG A 37 -25.94 4.12 3.09
CA ARG A 37 -27.10 4.99 3.27
C ARG A 37 -27.47 5.60 1.93
N LEU A 38 -28.60 6.30 1.90
CA LEU A 38 -29.09 7.00 0.72
C LEU A 38 -29.02 8.50 0.92
N THR A 39 -29.21 9.24 -0.18
CA THR A 39 -29.30 10.69 -0.12
C THR A 39 -30.41 11.16 0.80
N ASN A 40 -31.60 10.54 0.69
CA ASN A 40 -32.79 10.98 1.40
C ASN A 40 -33.14 10.05 2.55
N GLN A 41 -32.13 9.48 3.21
CA GLN A 41 -32.36 8.46 4.24
C GLN A 41 -31.06 8.11 4.96
N GLN A 42 -30.86 8.66 6.15
CA GLN A 42 -29.70 8.23 6.94
C GLN A 42 -29.98 6.91 7.65
N CYS A 43 -31.22 6.70 8.10
CA CYS A 43 -31.63 5.57 8.88
C CYS A 43 -32.95 5.01 8.35
N PRO A 44 -33.08 3.68 8.27
CA PRO A 44 -32.07 2.67 8.60
C PRO A 44 -31.03 2.58 7.50
N GLU A 45 -29.93 1.90 7.77
CA GLU A 45 -28.90 1.71 6.76
C GLU A 45 -29.27 0.60 5.80
N ILE A 46 -28.84 0.78 4.56
CA ILE A 46 -29.10 -0.16 3.50
C ILE A 46 -27.90 -1.12 3.41
N VAL A 47 -28.17 -2.31 2.84
CA VAL A 47 -27.17 -3.36 2.68
C VAL A 47 -26.44 -3.15 1.36
N VAL A 48 -25.12 -3.20 1.38
CA VAL A 48 -24.32 -2.87 0.20
C VAL A 48 -23.14 -3.82 0.11
N GLN A 49 -22.60 -3.95 -1.09
CA GLN A 49 -21.38 -4.69 -1.32
C GLN A 49 -20.27 -3.71 -1.72
N ARG A 50 -19.12 -3.83 -1.06
CA ARG A 50 -17.96 -3.01 -1.43
C ARG A 50 -17.53 -3.29 -2.87
N ARG A 51 -17.13 -2.21 -3.56
CA ARG A 51 -16.57 -2.37 -4.91
C ARG A 51 -15.18 -2.98 -4.88
N SER A 52 -14.43 -2.75 -3.80
CA SER A 52 -13.02 -3.12 -3.73
C SER A 52 -12.84 -4.50 -3.11
N ASP A 53 -12.05 -5.36 -3.77
CA ASP A 53 -11.72 -6.68 -3.22
C ASP A 53 -11.04 -6.59 -1.87
N LEU A 54 -10.49 -5.43 -1.52
CA LEU A 54 -9.69 -5.30 -0.30
C LEU A 54 -10.54 -5.20 0.94
N ASP A 55 -11.79 -4.83 0.78
CA ASP A 55 -12.69 -4.54 1.90
C ASP A 55 -13.64 -5.72 2.04
N ASN A 56 -13.50 -6.50 3.13
CA ASN A 56 -14.40 -7.60 3.40
C ASN A 56 -15.72 -7.14 4.00
N GLY A 57 -15.86 -5.84 4.31
CA GLY A 57 -17.11 -5.33 4.83
C GLY A 57 -17.25 -5.58 6.33
N ILE A 58 -18.50 -5.70 6.76
CA ILE A 58 -18.85 -5.90 8.16
C ILE A 58 -19.28 -7.34 8.36
N PRO A 59 -18.88 -8.00 9.43
CA PRO A 59 -19.31 -9.39 9.65
C PRO A 59 -20.79 -9.43 9.99
N VAL A 60 -21.42 -10.53 9.57
CA VAL A 60 -22.79 -10.86 9.97
C VAL A 60 -22.74 -12.00 10.97
N VAL A 61 -23.81 -12.12 11.77
CA VAL A 61 -24.11 -13.34 12.49
C VAL A 61 -25.44 -13.87 11.98
N PHE A 62 -25.58 -15.19 12.05
CA PHE A 62 -26.78 -15.90 11.63
C PHE A 62 -27.53 -16.45 12.84
N TYR A 63 -28.85 -16.46 12.76
CA TYR A 63 -29.71 -16.97 13.83
C TYR A 63 -30.66 -17.98 13.24
N ASN A 64 -30.71 -19.17 13.85
CA ASN A 64 -31.60 -20.21 13.37
C ASN A 64 -33.00 -20.01 13.96
N LEU A 65 -33.97 -20.68 13.34
CA LEU A 65 -35.33 -20.72 13.87
C LEU A 65 -35.33 -21.14 15.33
N ASP A 66 -34.84 -22.34 15.60
CA ASP A 66 -34.73 -22.86 16.96
C ASP A 66 -33.35 -22.56 17.49
N SER A 67 -33.29 -21.95 18.69
CA SER A 67 -32.03 -21.69 19.37
C SER A 67 -31.26 -22.97 19.72
N ASN A 68 -31.76 -24.10 19.23
CA ASN A 68 -31.12 -25.41 19.53
C ASN A 68 -30.10 -25.71 18.42
N ASP A 69 -30.57 -25.84 17.19
CA ASP A 69 -29.65 -26.10 16.06
C ASP A 69 -28.54 -25.04 16.05
N ASP A 70 -27.30 -25.46 16.28
CA ASP A 70 -26.15 -24.56 16.22
C ASP A 70 -25.58 -24.43 14.83
N THR A 71 -25.99 -25.30 13.91
CA THR A 71 -25.44 -25.34 12.56
C THR A 71 -26.33 -24.52 11.64
N VAL A 72 -25.69 -23.82 10.71
CA VAL A 72 -26.41 -23.15 9.65
C VAL A 72 -26.46 -24.09 8.47
N ARG A 73 -27.67 -24.37 7.99
CA ARG A 73 -27.85 -25.30 6.89
C ARG A 73 -28.58 -24.62 5.76
N VAL A 74 -28.29 -25.08 4.55
CA VAL A 74 -28.97 -24.67 3.34
C VAL A 74 -30.48 -24.78 3.52
N SER A 75 -31.23 -23.95 2.79
CA SER A 75 -32.70 -24.05 2.67
C SER A 75 -33.43 -24.03 4.01
N THR A 76 -32.93 -23.22 4.95
CA THR A 76 -33.61 -23.03 6.22
C THR A 76 -33.66 -21.54 6.56
N ASP A 77 -34.75 -21.13 7.21
CA ASP A 77 -34.96 -19.72 7.49
C ASP A 77 -34.03 -19.22 8.59
N LEU A 78 -33.37 -18.09 8.33
CA LEU A 78 -32.41 -17.50 9.24
C LEU A 78 -32.66 -16.01 9.37
N ASN A 79 -32.21 -15.45 10.47
CA ASN A 79 -32.00 -14.02 10.60
C ASN A 79 -30.53 -13.72 10.29
N VAL A 80 -30.29 -12.54 9.72
CA VAL A 80 -28.95 -12.10 9.35
C VAL A 80 -28.71 -10.74 9.99
N GLU A 81 -27.68 -10.65 10.83
CA GLU A 81 -27.41 -9.42 11.58
C GLU A 81 -25.95 -9.00 11.42
N PHE A 82 -25.74 -7.80 10.89
CA PHE A 82 -24.42 -7.19 10.91
C PHE A 82 -23.97 -6.94 12.35
N VAL A 83 -22.72 -7.30 12.65
CA VAL A 83 -22.11 -6.93 13.92
C VAL A 83 -21.03 -5.89 13.69
N PRO A 84 -21.38 -4.61 13.61
CA PRO A 84 -20.35 -3.59 13.41
C PRO A 84 -19.40 -3.51 14.59
N ILE A 85 -18.16 -3.10 14.30
CA ILE A 85 -17.14 -3.02 15.33
C ILE A 85 -17.40 -1.85 16.26
N ARG A 86 -17.67 -0.68 15.69
CA ARG A 86 -18.00 0.49 16.49
C ARG A 86 -19.49 0.75 16.43
N ASP A 87 -19.98 1.47 17.45
CA ASP A 87 -21.39 1.76 17.53
C ASP A 87 -21.82 2.66 16.38
N ARG A 88 -23.09 2.57 16.03
CA ARG A 88 -23.64 3.22 14.86
C ARG A 88 -24.59 4.33 15.30
N LEU A 89 -24.64 5.42 14.53
CA LEU A 89 -25.55 6.51 14.89
C LEU A 89 -26.99 6.03 14.86
N CYS A 90 -27.37 5.30 13.81
CA CYS A 90 -28.76 4.89 13.67
C CYS A 90 -29.21 4.07 14.86
N LEU A 91 -30.43 4.35 15.32
CA LEU A 91 -31.05 3.56 16.37
C LEU A 91 -31.83 2.39 15.80
N THR A 92 -31.96 2.31 14.49
CA THR A 92 -32.53 1.13 13.84
C THR A 92 -31.57 -0.05 13.98
N SER A 93 -32.13 -1.25 13.93
CA SER A 93 -31.29 -2.44 14.05
C SER A 93 -30.49 -2.66 12.77
N THR A 94 -29.55 -3.60 12.85
CA THR A 94 -28.75 -3.99 11.70
C THR A 94 -29.12 -5.39 11.21
N VAL A 95 -30.38 -5.78 11.42
CA VAL A 95 -30.88 -7.09 11.01
C VAL A 95 -31.46 -6.96 9.60
N TRP A 96 -31.07 -7.88 8.72
CA TRP A 96 -31.56 -7.79 7.35
C TRP A 96 -33.08 -7.95 7.29
N LYS A 97 -33.65 -7.43 6.22
CA LYS A 97 -35.09 -7.31 6.09
C LYS A 97 -35.40 -6.89 4.67
N VAL A 98 -36.37 -7.54 4.03
CA VAL A 98 -36.84 -7.08 2.74
C VAL A 98 -37.62 -5.78 2.94
N ASP A 99 -37.34 -4.80 2.07
CA ASP A 99 -37.94 -3.48 2.15
C ASP A 99 -39.35 -3.49 1.58
N ASN A 100 -40.09 -2.42 1.83
CA ASN A 100 -41.29 -2.15 1.06
C ASN A 100 -40.91 -1.97 -0.41
N TYR A 101 -41.85 -2.29 -1.29
CA TYR A 101 -41.62 -2.14 -2.71
C TYR A 101 -41.23 -0.70 -3.04
N ASP A 102 -40.20 -0.55 -3.89
CA ASP A 102 -39.68 0.77 -4.31
C ASP A 102 -40.29 1.16 -5.64
N THR A 103 -41.22 2.12 -5.62
CA THR A 103 -41.87 2.55 -6.85
C THR A 103 -40.96 3.31 -7.81
N SER A 104 -39.74 3.68 -7.42
CA SER A 104 -38.90 4.41 -8.37
C SER A 104 -38.01 3.49 -9.19
N THR A 105 -37.72 2.29 -8.67
CA THR A 105 -36.88 1.33 -9.34
C THR A 105 -37.60 0.04 -9.74
N GLY A 106 -38.73 -0.27 -9.11
CA GLY A 106 -39.39 -1.53 -9.36
C GLY A 106 -38.78 -2.68 -8.60
N LYS A 107 -37.98 -2.41 -7.58
CA LYS A 107 -37.18 -3.42 -6.91
C LYS A 107 -37.61 -3.59 -5.46
N TRP A 108 -37.40 -4.80 -4.95
CA TRP A 108 -37.55 -5.12 -3.52
C TRP A 108 -36.14 -5.21 -2.94
N TRP A 109 -35.66 -4.11 -2.36
CA TRP A 109 -34.30 -4.04 -1.83
C TRP A 109 -34.17 -4.77 -0.50
N VAL A 110 -32.95 -5.23 -0.21
CA VAL A 110 -32.61 -5.68 1.14
C VAL A 110 -32.10 -4.48 1.95
N THR A 111 -32.74 -4.24 3.10
CA THR A 111 -32.38 -3.14 3.99
C THR A 111 -32.21 -3.69 5.40
N THR A 112 -32.10 -2.83 6.41
CA THR A 112 -32.02 -3.37 7.77
C THR A 112 -33.19 -2.91 8.63
N ASP A 113 -32.95 -2.81 9.94
CA ASP A 113 -34.01 -2.62 10.94
C ASP A 113 -34.97 -3.80 11.01
N GLY A 114 -34.45 -5.00 10.76
CA GLY A 114 -35.23 -6.21 10.92
C GLY A 114 -35.30 -6.61 12.38
N VAL A 115 -35.84 -7.80 12.61
CA VAL A 115 -36.06 -8.32 13.96
C VAL A 115 -35.56 -9.76 14.02
N ILE A 116 -34.97 -10.12 15.16
CA ILE A 116 -34.45 -11.47 15.41
C ILE A 116 -35.55 -12.32 16.04
N GLY A 117 -35.63 -13.58 15.63
CA GLY A 117 -36.53 -14.50 16.30
C GLY A 117 -38.01 -14.22 16.03
N ASN A 118 -38.85 -14.85 16.87
CA ASN A 118 -40.30 -14.76 16.75
C ASN A 118 -40.66 -15.10 15.30
N PRO A 119 -40.51 -16.34 14.86
CA PRO A 119 -40.99 -16.68 13.51
C PRO A 119 -42.51 -16.56 13.44
N GLY A 120 -43.00 -16.10 12.28
CA GLY A 120 -44.41 -15.88 12.08
C GLY A 120 -44.71 -14.65 11.23
N PRO A 121 -45.95 -14.14 11.31
CA PRO A 121 -46.34 -13.05 10.40
C PRO A 121 -45.71 -11.72 10.77
N HIS A 122 -45.48 -11.45 12.05
CA HIS A 122 -44.93 -10.17 12.44
C HIS A 122 -43.52 -9.97 11.92
N THR A 123 -42.73 -11.04 11.81
CA THR A 123 -41.32 -10.93 11.46
C THR A 123 -41.01 -11.48 10.08
N LEU A 124 -42.04 -11.79 9.29
CA LEU A 124 -41.92 -12.43 7.98
C LEU A 124 -40.75 -11.92 7.14
N GLN A 125 -40.51 -10.60 7.18
CA GLN A 125 -39.55 -9.99 6.27
C GLN A 125 -38.10 -10.10 6.74
N SER A 126 -37.84 -10.58 7.96
CA SER A 126 -36.48 -10.75 8.45
C SER A 126 -35.91 -12.17 8.26
N TRP A 127 -36.58 -13.05 7.51
CA TRP A 127 -36.15 -14.44 7.39
C TRP A 127 -35.57 -14.71 6.01
N PHE A 128 -34.33 -15.17 5.97
CA PHE A 128 -33.67 -15.49 4.71
C PHE A 128 -33.15 -16.91 4.74
N LYS A 129 -32.98 -17.49 3.55
CA LYS A 129 -32.30 -18.76 3.40
C LYS A 129 -31.03 -18.60 2.58
N ILE A 130 -30.04 -19.43 2.90
CA ILE A 130 -28.82 -19.60 2.14
C ILE A 130 -28.97 -20.85 1.29
N GLU A 131 -28.76 -20.74 -0.02
CA GLU A 131 -28.90 -21.86 -0.93
C GLU A 131 -27.58 -22.15 -1.63
N SER A 132 -27.36 -23.42 -1.97
CA SER A 132 -26.19 -23.85 -2.71
C SER A 132 -26.25 -23.40 -4.16
N GLY A 133 -25.08 -23.37 -4.78
CA GLY A 133 -24.96 -22.99 -6.17
C GLY A 133 -23.66 -23.55 -6.71
N ASN A 134 -23.55 -23.46 -8.04
CA ASN A 134 -22.32 -23.89 -8.71
C ASN A 134 -21.14 -23.03 -8.28
N LEU A 135 -21.33 -21.71 -8.27
CA LEU A 135 -20.25 -20.75 -8.05
C LEU A 135 -20.11 -20.36 -6.59
N GLY A 136 -21.06 -20.73 -5.75
CA GLY A 136 -21.00 -20.49 -4.33
C GLY A 136 -22.40 -20.46 -3.77
N TYR A 137 -22.53 -19.90 -2.57
CA TYR A 137 -23.83 -19.77 -1.94
C TYR A 137 -24.56 -18.52 -2.43
N LYS A 138 -25.88 -18.61 -2.49
CA LYS A 138 -26.73 -17.46 -2.81
C LYS A 138 -27.80 -17.34 -1.75
N PHE A 139 -28.24 -16.10 -1.49
CA PHE A 139 -29.32 -15.83 -0.56
C PHE A 139 -30.68 -15.93 -1.26
N ASN A 140 -31.67 -16.42 -0.52
CA ASN A 140 -33.04 -16.58 -1.00
C ASN A 140 -34.01 -16.03 0.02
N PHE A 141 -34.94 -15.19 -0.43
CA PHE A 141 -36.05 -14.75 0.41
C PHE A 141 -37.30 -15.52 -0.04
N CYS A 142 -37.76 -16.42 0.81
CA CYS A 142 -38.94 -17.23 0.54
C CYS A 142 -39.37 -17.86 1.86
N PRO A 143 -39.76 -17.06 2.85
CA PRO A 143 -39.92 -17.59 4.21
C PRO A 143 -41.05 -18.60 4.32
N SER A 144 -40.83 -19.60 5.18
CA SER A 144 -41.80 -20.63 5.51
C SER A 144 -42.28 -20.51 6.95
N VAL A 145 -42.16 -19.33 7.56
CA VAL A 145 -42.50 -19.16 8.97
C VAL A 145 -43.99 -18.87 9.20
N CYS A 146 -44.79 -18.68 8.16
CA CYS A 146 -46.20 -18.33 8.33
C CYS A 146 -46.97 -18.95 7.16
N GLU A 147 -47.63 -20.09 7.41
CA GLU A 147 -48.28 -20.86 6.34
C GLU A 147 -49.34 -20.03 5.64
N SER A 148 -50.11 -19.23 6.40
CA SER A 148 -51.20 -18.43 5.87
C SER A 148 -50.77 -17.05 5.37
N CYS A 149 -49.47 -16.73 5.37
CA CYS A 149 -48.99 -15.47 4.83
C CYS A 149 -48.71 -15.61 3.34
N ILE A 150 -49.23 -14.68 2.56
CA ILE A 150 -48.76 -14.53 1.19
C ILE A 150 -47.41 -13.82 1.21
N THR A 151 -46.48 -14.33 0.42
CA THR A 151 -45.10 -13.89 0.51
C THR A 151 -44.46 -13.90 -0.86
N LEU A 152 -43.50 -13.01 -1.04
CA LEU A 152 -42.57 -13.14 -2.15
C LEU A 152 -41.67 -14.35 -1.93
N CYS A 153 -41.13 -14.87 -3.03
CA CYS A 153 -40.27 -16.06 -3.00
C CYS A 153 -39.27 -15.87 -4.13
N SER A 154 -38.06 -15.42 -3.80
CA SER A 154 -37.14 -15.04 -4.86
C SER A 154 -35.70 -15.10 -4.37
N ASP A 155 -34.79 -15.27 -5.33
CA ASP A 155 -33.37 -15.19 -5.06
C ASP A 155 -32.95 -13.72 -4.81
N ILE A 156 -31.77 -13.57 -4.21
CA ILE A 156 -31.20 -12.26 -3.94
C ILE A 156 -30.08 -12.00 -4.93
N GLY A 157 -30.32 -11.10 -5.88
CA GLY A 157 -29.30 -10.58 -6.75
C GLY A 157 -28.70 -9.27 -6.25
N ARG A 158 -27.93 -8.63 -7.11
CA ARG A 158 -27.30 -7.36 -6.79
C ARG A 158 -27.50 -6.38 -7.95
N TYR A 159 -27.84 -5.15 -7.62
CA TYR A 159 -28.04 -4.08 -8.59
C TYR A 159 -27.33 -2.81 -8.13
N GLY A 160 -26.78 -2.08 -9.11
CA GLY A 160 -26.17 -0.79 -8.82
C GLY A 160 -27.24 0.29 -8.76
N ASN A 161 -27.22 1.06 -7.67
CA ASN A 161 -28.15 2.16 -7.46
C ASN A 161 -27.36 3.35 -6.91
N ASP A 162 -27.26 4.41 -7.71
CA ASP A 162 -26.66 5.68 -7.31
C ASP A 162 -25.30 5.49 -6.63
N GLY A 163 -24.39 4.87 -7.37
CA GLY A 163 -23.04 4.67 -6.88
C GLY A 163 -22.82 3.47 -5.99
N GLN A 164 -23.88 2.85 -5.48
CA GLN A 164 -23.73 1.73 -4.57
C GLN A 164 -24.32 0.45 -5.15
N MET A 165 -23.66 -0.65 -4.80
CA MET A 165 -24.07 -2.00 -5.16
C MET A 165 -24.97 -2.53 -4.03
N ARG A 166 -26.27 -2.63 -4.30
CA ARG A 166 -27.26 -3.08 -3.34
C ARG A 166 -27.70 -4.53 -3.61
N LEU A 167 -28.45 -5.09 -2.68
CA LEU A 167 -29.10 -6.38 -2.87
C LEU A 167 -30.60 -6.18 -3.07
N ALA A 168 -31.18 -6.98 -3.96
CA ALA A 168 -32.62 -6.95 -4.22
C ALA A 168 -33.05 -8.30 -4.74
N LEU A 169 -34.35 -8.57 -4.60
CA LEU A 169 -34.90 -9.80 -5.15
C LEU A 169 -34.66 -9.83 -6.64
N ALA A 170 -34.24 -10.99 -7.14
CA ALA A 170 -33.95 -11.15 -8.56
C ALA A 170 -34.17 -12.60 -8.94
N GLU A 171 -34.20 -12.85 -10.25
CA GLU A 171 -34.47 -14.21 -10.73
C GLU A 171 -33.33 -15.14 -10.33
N SER A 172 -32.09 -14.72 -10.56
CA SER A 172 -30.91 -15.49 -10.20
C SER A 172 -30.09 -14.73 -9.17
N GLY A 173 -29.65 -15.44 -8.12
CA GLY A 173 -28.98 -14.81 -7.01
C GLY A 173 -27.51 -14.52 -7.26
N TRP A 174 -26.95 -13.66 -6.40
CA TRP A 174 -25.53 -13.41 -6.54
C TRP A 174 -24.73 -14.35 -5.64
N PRO A 175 -23.62 -14.92 -6.13
CA PRO A 175 -22.89 -15.92 -5.33
C PRO A 175 -21.92 -15.30 -4.33
N PHE A 176 -21.89 -15.90 -3.14
CA PHE A 176 -21.09 -15.44 -2.02
C PHE A 176 -20.36 -16.63 -1.41
N VAL A 177 -19.29 -16.33 -0.68
CA VAL A 177 -18.68 -17.29 0.24
C VAL A 177 -18.51 -16.59 1.58
N PHE A 178 -18.27 -17.41 2.61
CA PHE A 178 -18.26 -16.93 3.99
C PHE A 178 -16.88 -17.14 4.60
N LYS A 179 -16.27 -16.06 5.04
CA LYS A 179 -14.97 -16.09 5.70
C LYS A 179 -15.17 -15.88 7.20
N LYS A 180 -14.51 -16.69 8.02
CA LYS A 180 -14.46 -16.41 9.46
C LYS A 180 -13.93 -15.00 9.68
N ALA A 181 -14.55 -14.29 10.63
CA ALA A 181 -14.12 -12.92 10.90
C ALA A 181 -12.92 -12.86 11.83
N SER A 182 -12.69 -13.92 12.62
CA SER A 182 -11.50 -14.01 13.46
C SER A 182 -10.26 -14.40 12.66
N LYS B 1 24.95 -0.59 -12.43
CA LYS B 1 24.80 0.78 -11.94
C LYS B 1 23.35 1.14 -11.54
N ASN B 2 22.37 0.36 -11.97
CA ASN B 2 21.02 0.61 -11.51
C ASN B 2 20.81 0.06 -10.10
N GLU B 3 19.80 0.60 -9.42
CA GLU B 3 19.51 0.20 -8.05
C GLU B 3 19.16 -1.29 -7.98
N PRO B 4 19.79 -2.07 -7.10
CA PRO B 4 19.42 -3.49 -6.98
C PRO B 4 18.04 -3.67 -6.36
N VAL B 5 17.29 -4.63 -6.91
CA VAL B 5 16.02 -4.97 -6.28
C VAL B 5 16.28 -5.74 -4.99
N LEU B 6 15.46 -5.53 -3.98
CA LEU B 6 15.70 -6.12 -2.66
C LEU B 6 14.54 -7.02 -2.26
N ASP B 7 14.87 -8.15 -1.63
CA ASP B 7 13.86 -9.08 -1.17
C ASP B 7 13.33 -8.65 0.19
N THR B 8 12.39 -9.41 0.76
CA THR B 8 11.76 -9.00 2.02
C THR B 8 12.75 -8.98 3.19
N ASP B 9 13.90 -9.61 3.05
CA ASP B 9 14.94 -9.53 4.07
C ASP B 9 15.88 -8.35 3.85
N GLY B 10 15.71 -7.61 2.76
CA GLY B 10 16.59 -6.51 2.43
C GLY B 10 17.82 -6.89 1.66
N ASP B 11 17.89 -8.10 1.11
CA ASP B 11 19.06 -8.56 0.38
C ASP B 11 18.79 -8.48 -1.12
N GLU B 12 19.82 -8.12 -1.87
CA GLU B 12 19.63 -7.89 -3.29
C GLU B 12 19.24 -9.18 -3.99
N LEU B 13 18.26 -9.08 -4.88
CA LEU B 13 17.87 -10.22 -5.70
C LEU B 13 19.05 -10.68 -6.55
N ARG B 14 19.22 -12.00 -6.64
CA ARG B 14 20.28 -12.62 -7.42
C ARG B 14 19.68 -13.39 -8.59
N ALA B 15 20.13 -13.08 -9.80
CA ALA B 15 19.74 -13.86 -10.96
C ALA B 15 20.03 -15.34 -10.72
N GLY B 16 19.09 -16.20 -11.15
CA GLY B 16 19.21 -17.62 -10.96
C GLY B 16 18.56 -18.16 -9.70
N GLU B 17 18.31 -17.31 -8.71
CA GLU B 17 17.75 -17.77 -7.46
C GLU B 17 16.23 -17.69 -7.49
N GLN B 18 15.60 -18.42 -6.58
CA GLN B 18 14.15 -18.57 -6.57
C GLN B 18 13.55 -17.60 -5.58
N TYR B 19 12.52 -16.89 -6.02
CA TYR B 19 11.80 -15.98 -5.13
C TYR B 19 10.30 -16.13 -5.34
N TYR B 20 9.55 -16.09 -4.24
CA TYR B 20 8.12 -15.87 -4.37
C TYR B 20 7.86 -14.42 -4.75
N VAL B 21 6.81 -14.20 -5.53
CA VAL B 21 6.30 -12.88 -5.89
C VAL B 21 4.97 -12.72 -5.20
N VAL B 22 4.94 -11.99 -4.09
CA VAL B 22 3.75 -11.87 -3.25
C VAL B 22 3.23 -10.44 -3.31
N SER B 23 1.92 -10.29 -3.33
CA SER B 23 1.33 -8.96 -3.31
C SER B 23 1.83 -8.19 -2.10
N ALA B 24 2.13 -6.90 -2.29
CA ALA B 24 2.55 -6.08 -1.16
C ALA B 24 1.37 -5.60 -0.33
N ILE B 25 0.17 -5.60 -0.90
CA ILE B 25 -1.08 -5.36 -0.18
C ILE B 25 -1.69 -6.72 0.11
N TRP B 26 -1.85 -7.03 1.40
CA TRP B 26 -2.31 -8.37 1.75
C TRP B 26 -3.80 -8.37 2.08
N GLY B 27 -4.27 -9.28 2.92
CA GLY B 27 -5.71 -9.41 3.11
C GLY B 27 -6.42 -9.69 1.80
N GLY B 28 -7.43 -8.86 1.49
CA GLY B 28 -8.12 -8.96 0.21
C GLY B 28 -7.27 -8.65 -1.00
N GLY B 29 -6.05 -8.14 -0.78
CA GLY B 29 -5.09 -7.97 -1.85
C GLY B 29 -4.53 -9.26 -2.41
N GLY B 30 -4.72 -10.39 -1.74
CA GLY B 30 -4.30 -11.68 -2.26
C GLY B 30 -2.89 -12.07 -1.84
N GLY B 31 -2.47 -13.23 -2.33
CA GLY B 31 -1.18 -13.80 -1.98
C GLY B 31 -0.16 -13.70 -3.11
N GLY B 32 0.58 -14.80 -3.34
CA GLY B 32 1.59 -14.85 -4.38
C GLY B 32 1.09 -15.37 -5.73
N LEU B 33 1.96 -15.30 -6.72
CA LEU B 33 1.67 -15.69 -8.09
C LEU B 33 1.89 -17.18 -8.32
N ALA B 34 1.27 -17.72 -9.37
CA ALA B 34 1.38 -19.15 -9.66
C ALA B 34 0.98 -19.44 -11.09
N LEU B 35 1.39 -20.61 -11.57
CA LEU B 35 0.84 -21.11 -12.81
C LEU B 35 -0.63 -21.45 -12.61
N GLY B 36 -1.45 -21.04 -13.56
CA GLY B 36 -2.83 -21.46 -13.61
C GLY B 36 -3.17 -22.02 -14.99
N ARG B 37 -4.44 -22.37 -15.14
CA ARG B 37 -4.94 -22.84 -16.42
C ARG B 37 -6.31 -22.21 -16.67
N LEU B 38 -6.52 -21.75 -17.91
CA LEU B 38 -7.86 -21.34 -18.30
C LEU B 38 -8.77 -22.56 -18.44
N THR B 39 -10.08 -22.30 -18.29
CA THR B 39 -11.10 -23.34 -18.40
C THR B 39 -10.95 -24.13 -19.70
N ASN B 40 -10.77 -23.44 -20.81
CA ASN B 40 -10.76 -24.08 -22.12
C ASN B 40 -9.38 -24.07 -22.77
N GLN B 41 -8.32 -23.97 -21.97
CA GLN B 41 -6.96 -24.01 -22.51
C GLN B 41 -6.05 -24.62 -21.46
N GLN B 42 -5.50 -25.81 -21.74
CA GLN B 42 -4.57 -26.44 -20.82
C GLN B 42 -3.16 -25.86 -20.96
N CYS B 43 -2.77 -25.51 -22.18
CA CYS B 43 -1.42 -25.05 -22.47
C CYS B 43 -1.50 -23.92 -23.50
N PRO B 44 -0.64 -22.88 -23.37
CA PRO B 44 0.28 -22.63 -22.26
C PRO B 44 -0.48 -22.36 -20.96
N GLU B 45 0.17 -22.61 -19.84
CA GLU B 45 -0.37 -22.21 -18.56
C GLU B 45 -0.35 -20.68 -18.46
N ILE B 46 -1.26 -20.12 -17.66
CA ILE B 46 -1.38 -18.69 -17.52
C ILE B 46 -0.83 -18.28 -16.16
N VAL B 47 -0.63 -16.97 -15.99
CA VAL B 47 -0.14 -16.40 -14.74
C VAL B 47 -1.33 -15.94 -13.92
N VAL B 48 -1.44 -16.43 -12.69
CA VAL B 48 -2.54 -16.06 -11.82
C VAL B 48 -2.02 -15.76 -10.42
N GLN B 49 -2.90 -15.14 -9.62
CA GLN B 49 -2.59 -14.76 -8.24
C GLN B 49 -3.49 -15.54 -7.29
N ARG B 50 -2.86 -16.22 -6.33
CA ARG B 50 -3.59 -16.91 -5.28
C ARG B 50 -4.42 -15.93 -4.45
N ARG B 51 -5.62 -16.36 -4.08
CA ARG B 51 -6.53 -15.47 -3.35
C ARG B 51 -6.11 -15.27 -1.90
N SER B 52 -5.66 -16.34 -1.24
CA SER B 52 -5.28 -16.27 0.16
C SER B 52 -3.94 -15.57 0.33
N ASP B 53 -3.88 -14.62 1.26
CA ASP B 53 -2.59 -13.96 1.49
C ASP B 53 -1.62 -14.82 2.31
N LEU B 54 -2.02 -16.02 2.74
CA LEU B 54 -1.09 -16.96 3.33
C LEU B 54 -0.35 -17.79 2.31
N ASP B 55 -0.74 -17.70 1.05
CA ASP B 55 -0.26 -18.60 0.00
C ASP B 55 0.72 -17.79 -0.86
N ASN B 56 2.00 -18.13 -0.75
CA ASN B 56 3.02 -17.43 -1.53
C ASN B 56 3.05 -17.86 -2.98
N GLY B 57 2.22 -18.84 -3.38
CA GLY B 57 2.23 -19.32 -4.74
C GLY B 57 3.50 -20.12 -5.01
N ILE B 58 3.96 -20.07 -6.26
CA ILE B 58 5.20 -20.81 -6.56
C ILE B 58 6.26 -19.85 -7.06
N PRO B 59 7.53 -20.11 -6.76
CA PRO B 59 8.56 -19.09 -6.99
C PRO B 59 8.88 -18.93 -8.45
N VAL B 60 9.55 -17.81 -8.76
CA VAL B 60 10.09 -17.55 -10.08
C VAL B 60 11.61 -17.52 -10.01
N VAL B 61 12.24 -17.52 -11.19
CA VAL B 61 13.65 -17.19 -11.34
C VAL B 61 13.76 -16.05 -12.34
N PHE B 62 14.63 -15.07 -12.04
CA PHE B 62 14.90 -13.96 -12.94
C PHE B 62 16.19 -14.20 -13.74
N TYR B 63 16.15 -13.84 -15.02
CA TYR B 63 17.30 -13.95 -15.92
C TYR B 63 17.63 -12.57 -16.47
N ASN B 64 18.88 -12.13 -16.28
CA ASN B 64 19.29 -10.82 -16.76
C ASN B 64 19.64 -10.85 -18.24
N LEU B 65 19.62 -9.66 -18.84
CA LEU B 65 20.09 -9.47 -20.21
C LEU B 65 21.47 -10.10 -20.39
N ASP B 66 22.44 -9.64 -19.60
CA ASP B 66 23.80 -10.15 -19.62
C ASP B 66 23.96 -11.20 -18.54
N SER B 67 24.47 -12.38 -18.92
CA SER B 67 24.65 -13.47 -17.96
C SER B 67 25.74 -13.21 -16.93
N ASN B 68 26.38 -12.04 -16.94
CA ASN B 68 27.49 -11.76 -16.02
C ASN B 68 27.10 -10.85 -14.87
N ASP B 69 26.18 -9.90 -15.06
CA ASP B 69 25.59 -9.20 -13.92
C ASP B 69 24.66 -10.17 -13.19
N ASP B 70 25.08 -10.62 -12.01
CA ASP B 70 24.31 -11.54 -11.18
C ASP B 70 23.28 -10.84 -10.29
N THR B 71 23.16 -9.52 -10.37
CA THR B 71 22.22 -8.77 -9.55
C THR B 71 21.02 -8.34 -10.37
N VAL B 72 19.84 -8.41 -9.78
CA VAL B 72 18.63 -7.93 -10.42
C VAL B 72 18.43 -6.46 -10.04
N ARG B 73 18.45 -5.58 -11.03
CA ARG B 73 18.31 -4.17 -10.74
C ARG B 73 17.02 -3.61 -11.34
N VAL B 74 16.58 -2.46 -10.81
CA VAL B 74 15.36 -1.81 -11.30
C VAL B 74 15.55 -1.36 -12.75
N SER B 75 14.43 -1.23 -13.45
CA SER B 75 14.36 -0.60 -14.78
C SER B 75 15.31 -1.24 -15.76
N THR B 76 15.51 -2.56 -15.65
CA THR B 76 16.31 -3.30 -16.61
C THR B 76 15.51 -4.49 -17.09
N ASP B 77 15.60 -4.76 -18.39
CA ASP B 77 14.84 -5.84 -18.99
C ASP B 77 15.34 -7.19 -18.48
N LEU B 78 14.39 -8.05 -18.11
CA LEU B 78 14.73 -9.39 -17.65
C LEU B 78 13.64 -10.37 -18.04
N ASN B 79 13.98 -11.65 -17.98
CA ASN B 79 13.04 -12.72 -18.20
C ASN B 79 12.57 -13.26 -16.85
N VAL B 80 11.28 -13.62 -16.77
CA VAL B 80 10.68 -14.19 -15.57
C VAL B 80 10.23 -15.61 -15.90
N GLU B 81 10.58 -16.56 -15.04
CA GLU B 81 10.25 -17.96 -15.28
C GLU B 81 9.77 -18.61 -13.98
N PHE B 82 8.57 -19.14 -13.99
CA PHE B 82 8.11 -19.93 -12.85
C PHE B 82 8.96 -21.19 -12.73
N VAL B 83 9.22 -21.60 -11.49
CA VAL B 83 9.82 -22.91 -11.24
C VAL B 83 8.79 -23.95 -11.68
N PRO B 84 9.13 -24.87 -12.57
CA PRO B 84 8.10 -25.76 -13.13
C PRO B 84 7.47 -26.70 -12.11
N ILE B 85 6.81 -26.18 -11.07
CA ILE B 85 6.04 -27.04 -10.18
C ILE B 85 4.69 -27.28 -10.81
N ARG B 86 4.62 -28.30 -11.67
CA ARG B 86 3.44 -28.55 -12.47
C ARG B 86 3.51 -30.01 -12.93
N ASP B 87 2.40 -30.50 -13.47
CA ASP B 87 2.39 -31.83 -14.07
C ASP B 87 3.17 -31.82 -15.39
N ARG B 88 3.15 -32.94 -16.10
CA ARG B 88 3.95 -33.11 -17.30
C ARG B 88 3.13 -32.86 -18.58
N LEU B 89 1.96 -32.23 -18.45
CA LEU B 89 1.04 -32.10 -19.56
C LEU B 89 1.55 -31.11 -20.62
N CYS B 90 2.00 -29.93 -20.18
CA CYS B 90 2.38 -28.85 -21.10
C CYS B 90 3.85 -28.96 -21.49
N LEU B 91 4.12 -28.88 -22.77
CA LEU B 91 5.48 -28.71 -23.26
C LEU B 91 5.89 -27.26 -23.33
N THR B 92 4.93 -26.34 -23.22
CA THR B 92 5.23 -24.90 -23.24
C THR B 92 6.16 -24.52 -22.07
N SER B 93 6.95 -23.49 -22.30
CA SER B 93 7.79 -22.97 -21.23
C SER B 93 6.94 -22.33 -20.13
N THR B 94 7.57 -22.13 -18.97
CA THR B 94 6.93 -21.40 -17.89
C THR B 94 7.44 -19.97 -17.80
N VAL B 95 7.99 -19.45 -18.89
CA VAL B 95 8.53 -18.10 -18.98
C VAL B 95 7.38 -17.13 -19.27
N TRP B 96 7.31 -16.05 -18.48
CA TRP B 96 6.28 -15.05 -18.70
C TRP B 96 6.45 -14.40 -20.06
N LYS B 97 5.33 -14.02 -20.68
CA LYS B 97 5.37 -13.21 -21.88
C LYS B 97 4.03 -12.55 -22.08
N VAL B 98 4.05 -11.46 -22.84
CA VAL B 98 2.86 -10.68 -23.13
C VAL B 98 2.14 -11.31 -24.32
N ASP B 99 0.84 -11.56 -24.16
CA ASP B 99 -0.02 -12.20 -25.14
C ASP B 99 -0.39 -11.24 -26.27
N ASN B 100 -0.97 -11.80 -27.32
CA ASN B 100 -1.68 -11.00 -28.32
C ASN B 100 -2.90 -10.34 -27.69
N TYR B 101 -3.34 -9.24 -28.28
CA TYR B 101 -4.50 -8.52 -27.78
C TYR B 101 -5.72 -9.43 -27.69
N ASP B 102 -6.39 -9.39 -26.54
CA ASP B 102 -7.59 -10.19 -26.29
C ASP B 102 -8.80 -9.33 -26.58
N THR B 103 -9.41 -9.50 -27.76
CA THR B 103 -10.60 -8.74 -28.12
C THR B 103 -11.80 -9.05 -27.25
N SER B 104 -11.79 -10.17 -26.51
CA SER B 104 -12.91 -10.50 -25.63
C SER B 104 -13.00 -9.52 -24.48
N THR B 105 -11.85 -8.98 -24.06
CA THR B 105 -11.71 -8.23 -22.81
C THR B 105 -11.07 -6.86 -22.96
N GLY B 106 -10.33 -6.61 -24.03
CA GLY B 106 -9.57 -5.38 -24.14
C GLY B 106 -8.25 -5.42 -23.42
N LYS B 107 -7.76 -6.63 -23.07
CA LYS B 107 -6.61 -6.76 -22.20
C LYS B 107 -5.44 -7.37 -22.96
N TRP B 108 -4.25 -6.96 -22.54
CA TRP B 108 -2.98 -7.59 -22.94
C TRP B 108 -2.53 -8.42 -21.75
N TRP B 109 -2.86 -9.72 -21.79
CA TRP B 109 -2.59 -10.59 -20.66
C TRP B 109 -1.11 -10.95 -20.59
N VAL B 110 -0.65 -11.24 -19.38
CA VAL B 110 0.59 -11.97 -19.18
C VAL B 110 0.25 -13.45 -19.19
N THR B 111 0.90 -14.20 -20.07
CA THR B 111 0.76 -15.64 -20.06
C THR B 111 2.14 -16.24 -20.01
N THR B 112 2.27 -17.55 -20.28
CA THR B 112 3.60 -18.11 -20.32
C THR B 112 3.95 -18.61 -21.72
N ASP B 113 4.86 -19.57 -21.80
CA ASP B 113 5.51 -20.01 -23.05
C ASP B 113 6.38 -18.92 -23.66
N GLY B 114 6.95 -18.05 -22.82
CA GLY B 114 7.96 -17.11 -23.26
C GLY B 114 9.29 -17.81 -23.52
N VAL B 115 10.30 -16.99 -23.78
CA VAL B 115 11.62 -17.45 -24.19
C VAL B 115 12.67 -16.72 -23.36
N ILE B 116 13.69 -17.46 -22.91
CA ILE B 116 14.80 -16.88 -22.18
C ILE B 116 15.86 -16.43 -23.17
N GLY B 117 16.35 -15.20 -23.00
CA GLY B 117 17.54 -14.76 -23.73
C GLY B 117 17.25 -14.18 -25.10
N ASN B 118 18.33 -14.07 -25.89
CA ASN B 118 18.30 -13.58 -27.26
C ASN B 118 17.54 -12.25 -27.35
N PRO B 119 18.04 -11.20 -26.72
CA PRO B 119 17.33 -9.91 -26.76
C PRO B 119 17.23 -9.39 -28.18
N GLY B 120 16.05 -8.92 -28.55
CA GLY B 120 15.82 -8.44 -29.88
C GLY B 120 14.37 -8.59 -30.27
N PRO B 121 14.04 -8.22 -31.51
CA PRO B 121 12.61 -8.22 -31.90
C PRO B 121 11.94 -9.57 -31.77
N HIS B 122 12.69 -10.69 -31.92
CA HIS B 122 12.04 -11.98 -31.92
C HIS B 122 11.51 -12.37 -30.55
N THR B 123 12.12 -11.85 -29.48
CA THR B 123 11.77 -12.21 -28.10
C THR B 123 11.24 -11.01 -27.32
N LEU B 124 10.87 -9.95 -28.04
CA LEU B 124 10.43 -8.70 -27.44
C LEU B 124 9.41 -8.90 -26.33
N GLN B 125 8.47 -9.82 -26.53
CA GLN B 125 7.35 -10.06 -25.61
C GLN B 125 7.75 -10.81 -24.35
N SER B 126 9.01 -11.22 -24.22
CA SER B 126 9.48 -11.98 -23.06
C SER B 126 10.31 -11.15 -22.08
N TRP B 127 10.35 -9.81 -22.24
CA TRP B 127 11.21 -8.95 -21.44
C TRP B 127 10.36 -8.03 -20.57
N PHE B 128 10.61 -8.08 -19.26
CA PHE B 128 9.89 -7.27 -18.29
C PHE B 128 10.88 -6.47 -17.47
N LYS B 129 10.42 -5.37 -16.91
CA LYS B 129 11.21 -4.57 -15.97
C LYS B 129 10.55 -4.61 -14.60
N ILE B 130 11.38 -4.51 -13.58
CA ILE B 130 10.92 -4.31 -12.21
C ILE B 130 11.18 -2.84 -11.83
N GLU B 131 10.15 -2.15 -11.39
CA GLU B 131 10.25 -0.74 -10.98
C GLU B 131 9.80 -0.58 -9.54
N SER B 132 10.37 0.45 -8.87
CA SER B 132 9.93 0.82 -7.53
C SER B 132 8.48 1.27 -7.57
N GLY B 133 7.74 0.92 -6.52
CA GLY B 133 6.37 1.42 -6.42
C GLY B 133 6.21 2.28 -5.18
N ASN B 134 5.01 2.78 -4.91
CA ASN B 134 4.78 3.53 -3.66
C ASN B 134 5.21 2.60 -2.52
N LEU B 135 4.90 1.31 -2.65
CA LEU B 135 5.40 0.29 -1.71
C LEU B 135 5.85 -0.88 -2.57
N GLY B 136 6.83 -1.64 -2.11
CA GLY B 136 7.34 -2.74 -2.90
C GLY B 136 7.71 -2.33 -4.30
N TYR B 137 7.52 -3.28 -5.22
CA TYR B 137 7.91 -3.18 -6.63
C TYR B 137 6.76 -3.62 -7.52
N LYS B 138 6.69 -3.01 -8.71
CA LYS B 138 5.75 -3.38 -9.75
C LYS B 138 6.48 -3.85 -11.01
N PHE B 139 5.83 -4.74 -11.76
CA PHE B 139 6.33 -5.12 -13.07
C PHE B 139 5.88 -4.11 -14.12
N ASN B 140 6.68 -4.02 -15.17
CA ASN B 140 6.50 -3.03 -16.21
C ASN B 140 6.91 -3.67 -17.51
N PHE B 141 6.06 -3.57 -18.52
CA PHE B 141 6.39 -4.11 -19.84
C PHE B 141 6.70 -2.95 -20.75
N CYS B 142 7.98 -2.78 -21.05
CA CYS B 142 8.44 -1.66 -21.86
C CYS B 142 9.82 -2.01 -22.37
N PRO B 143 9.93 -3.01 -23.24
CA PRO B 143 11.26 -3.54 -23.59
C PRO B 143 12.12 -2.54 -24.34
N SER B 144 13.41 -2.57 -24.04
CA SER B 144 14.41 -1.77 -24.73
C SER B 144 15.33 -2.60 -25.60
N VAL B 145 15.00 -3.88 -25.84
CA VAL B 145 15.89 -4.79 -26.55
C VAL B 145 15.90 -4.59 -28.05
N CYS B 146 14.96 -3.84 -28.61
CA CYS B 146 14.91 -3.61 -30.05
C CYS B 146 14.51 -2.16 -30.27
N GLU B 147 15.50 -1.31 -30.58
CA GLU B 147 15.26 0.13 -30.60
C GLU B 147 14.40 0.56 -31.78
N SER B 148 14.50 -0.13 -32.92
CA SER B 148 13.64 0.18 -34.05
C SER B 148 12.23 -0.39 -33.92
N CYS B 149 11.97 -1.23 -32.92
CA CYS B 149 10.66 -1.82 -32.73
C CYS B 149 9.71 -0.82 -32.06
N ILE B 150 8.50 -0.71 -32.60
CA ILE B 150 7.42 -0.08 -31.86
C ILE B 150 6.86 -1.12 -30.90
N THR B 151 6.62 -0.71 -29.66
CA THR B 151 6.27 -1.65 -28.61
C THR B 151 5.29 -1.01 -27.63
N LEU B 152 4.51 -1.87 -26.96
CA LEU B 152 3.73 -1.40 -25.83
C LEU B 152 4.70 -0.97 -24.72
N CYS B 153 4.25 -0.02 -23.90
CA CYS B 153 5.03 0.43 -22.75
C CYS B 153 4.03 0.68 -21.64
N SER B 154 4.01 -0.17 -20.61
CA SER B 154 2.92 -0.09 -19.66
C SER B 154 3.25 -0.93 -18.43
N ASP B 155 2.70 -0.51 -17.28
CA ASP B 155 2.74 -1.31 -16.07
C ASP B 155 1.93 -2.60 -16.21
N ILE B 156 2.17 -3.52 -15.29
CA ILE B 156 1.37 -4.72 -15.14
C ILE B 156 0.49 -4.58 -13.91
N GLY B 157 -0.81 -4.62 -14.11
CA GLY B 157 -1.76 -4.70 -13.01
C GLY B 157 -2.51 -6.02 -12.97
N ARG B 158 -3.58 -6.07 -12.18
CA ARG B 158 -4.36 -7.28 -11.96
C ARG B 158 -5.75 -7.11 -12.56
N TYR B 159 -6.28 -8.19 -13.12
CA TYR B 159 -7.61 -8.10 -13.72
C TYR B 159 -8.29 -9.46 -13.65
N GLY B 160 -9.60 -9.43 -13.39
CA GLY B 160 -10.36 -10.67 -13.38
C GLY B 160 -10.54 -11.25 -14.76
N ASN B 161 -10.38 -12.58 -14.87
CA ASN B 161 -10.61 -13.31 -16.11
C ASN B 161 -10.82 -14.79 -15.79
N ASP B 162 -11.91 -15.37 -16.30
CA ASP B 162 -12.18 -16.80 -16.18
C ASP B 162 -12.31 -17.22 -14.72
N GLY B 163 -12.98 -16.39 -13.92
CA GLY B 163 -13.06 -16.62 -12.48
C GLY B 163 -11.74 -16.64 -11.74
N GLN B 164 -10.67 -16.11 -12.33
CA GLN B 164 -9.35 -16.07 -11.70
C GLN B 164 -8.79 -14.65 -11.74
N MET B 165 -7.79 -14.40 -10.88
CA MET B 165 -7.05 -13.14 -10.85
C MET B 165 -5.82 -13.28 -11.73
N ARG B 166 -5.79 -12.52 -12.84
CA ARG B 166 -4.71 -12.54 -13.82
C ARG B 166 -3.95 -11.21 -13.78
N LEU B 167 -2.82 -11.20 -14.49
CA LEU B 167 -2.03 -10.01 -14.73
C LEU B 167 -2.22 -9.53 -16.16
N ALA B 168 -2.24 -8.21 -16.33
CA ALA B 168 -2.41 -7.58 -17.64
C ALA B 168 -1.78 -6.20 -17.60
N LEU B 169 -1.42 -5.69 -18.77
CA LEU B 169 -0.99 -4.31 -18.84
C LEU B 169 -2.06 -3.41 -18.25
N ALA B 170 -1.62 -2.38 -17.53
CA ALA B 170 -2.54 -1.50 -16.83
C ALA B 170 -1.84 -0.16 -16.62
N GLU B 171 -2.63 0.90 -16.55
CA GLU B 171 -2.08 2.22 -16.29
C GLU B 171 -1.23 2.21 -15.02
N SER B 172 -1.76 1.66 -13.93
CA SER B 172 -1.07 1.66 -12.65
C SER B 172 -0.72 0.23 -12.26
N GLY B 173 0.57 -0.02 -12.03
CA GLY B 173 1.01 -1.36 -11.68
C GLY B 173 0.57 -1.77 -10.29
N TRP B 174 0.45 -3.10 -10.09
CA TRP B 174 0.16 -3.62 -8.76
C TRP B 174 1.47 -3.89 -8.03
N PRO B 175 1.56 -3.61 -6.72
CA PRO B 175 2.84 -3.77 -6.03
C PRO B 175 3.08 -5.14 -5.43
N PHE B 176 4.29 -5.66 -5.63
CA PHE B 176 4.68 -6.93 -5.07
C PHE B 176 5.97 -6.79 -4.27
N VAL B 177 6.22 -7.79 -3.43
CA VAL B 177 7.51 -7.99 -2.79
C VAL B 177 8.00 -9.39 -3.16
N PHE B 178 9.29 -9.64 -2.91
CA PHE B 178 9.95 -10.87 -3.29
C PHE B 178 10.50 -11.55 -2.03
N LYS B 179 10.10 -12.80 -1.81
CA LYS B 179 10.59 -13.58 -0.68
C LYS B 179 11.54 -14.67 -1.18
N LYS B 180 12.68 -14.84 -0.50
CA LYS B 180 13.55 -15.98 -0.78
C LYS B 180 12.76 -17.28 -0.76
N ALA B 181 12.93 -18.10 -1.81
CA ALA B 181 12.26 -19.42 -1.85
C ALA B 181 13.23 -20.57 -1.56
N LYS C 1 31.72 15.88 30.34
CA LYS C 1 30.37 15.38 30.05
C LYS C 1 29.75 16.14 28.88
N ASN C 2 29.82 15.56 27.70
CA ASN C 2 29.23 16.19 26.52
C ASN C 2 27.72 15.98 26.51
N GLU C 3 27.04 16.82 25.74
CA GLU C 3 25.59 16.76 25.63
C GLU C 3 25.14 15.41 25.08
N PRO C 4 24.17 14.75 25.72
CA PRO C 4 23.72 13.43 25.23
C PRO C 4 23.12 13.50 23.83
N VAL C 5 23.23 12.38 23.12
CA VAL C 5 22.62 12.22 21.81
C VAL C 5 21.15 11.86 22.01
N LEU C 6 20.27 12.52 21.27
CA LEU C 6 18.83 12.33 21.44
C LEU C 6 18.22 11.65 20.22
N ASP C 7 17.17 10.85 20.48
CA ASP C 7 16.44 10.17 19.42
C ASP C 7 15.19 10.97 19.05
N THR C 8 14.40 10.42 18.12
CA THR C 8 13.22 11.11 17.63
C THR C 8 12.15 11.33 18.68
N ASP C 9 12.23 10.64 19.82
CA ASP C 9 11.34 10.87 20.95
C ASP C 9 11.94 11.82 21.99
N GLY C 10 13.07 12.45 21.68
CA GLY C 10 13.72 13.32 22.63
C GLY C 10 14.31 12.64 23.84
N ASP C 11 14.37 11.32 23.86
CA ASP C 11 15.06 10.61 24.92
C ASP C 11 16.53 10.41 24.55
N GLU C 12 17.37 10.35 25.58
CA GLU C 12 18.80 10.18 25.34
C GLU C 12 19.11 8.77 24.85
N LEU C 13 20.07 8.68 23.94
CA LEU C 13 20.49 7.38 23.46
C LEU C 13 21.24 6.61 24.55
N ARG C 14 21.00 5.32 24.62
CA ARG C 14 21.64 4.44 25.59
C ARG C 14 22.48 3.40 24.87
N ALA C 15 23.67 3.12 25.40
CA ALA C 15 24.52 2.08 24.84
C ALA C 15 23.85 0.73 25.00
N GLY C 16 23.86 -0.07 23.93
CA GLY C 16 23.23 -1.35 23.94
C GLY C 16 21.78 -1.36 23.54
N GLU C 17 21.18 -0.18 23.37
CA GLU C 17 19.82 -0.09 22.86
C GLU C 17 19.86 0.01 21.34
N GLN C 18 18.88 -0.60 20.69
CA GLN C 18 18.84 -0.64 19.23
C GLN C 18 18.17 0.60 18.68
N TYR C 19 18.79 1.19 17.66
CA TYR C 19 18.23 2.36 16.99
C TYR C 19 18.39 2.19 15.49
N TYR C 20 17.36 2.58 14.75
CA TYR C 20 17.50 2.75 13.32
C TYR C 20 18.15 4.10 13.05
N VAL C 21 19.10 4.11 12.12
CA VAL C 21 19.81 5.31 11.72
C VAL C 21 19.16 5.78 10.43
N VAL C 22 18.27 6.77 10.51
CA VAL C 22 17.50 7.23 9.36
C VAL C 22 17.97 8.60 8.94
N SER C 23 17.89 8.84 7.63
CA SER C 23 18.19 10.16 7.10
C SER C 23 17.33 11.21 7.78
N ALA C 24 17.96 12.34 8.13
CA ALA C 24 17.22 13.40 8.81
C ALA C 24 16.32 14.15 7.84
N ILE C 25 16.70 14.20 6.56
CA ILE C 25 15.90 14.91 5.56
C ILE C 25 14.56 14.22 5.38
N TRP C 26 13.47 14.93 5.69
CA TRP C 26 12.12 14.46 5.44
C TRP C 26 11.64 14.99 4.09
N GLY C 27 11.45 14.08 3.13
CA GLY C 27 11.15 14.49 1.78
C GLY C 27 12.33 14.27 0.85
N GLY C 28 12.28 13.18 0.09
CA GLY C 28 13.39 12.80 -0.76
C GLY C 28 14.69 12.50 -0.04
N GLY C 29 14.63 12.14 1.24
CA GLY C 29 15.84 11.90 2.00
C GLY C 29 16.37 10.48 2.02
N GLY C 30 15.58 9.52 1.55
CA GLY C 30 15.97 8.13 1.67
C GLY C 30 15.55 7.56 3.02
N GLY C 31 15.76 6.26 3.15
CA GLY C 31 15.44 5.52 4.35
C GLY C 31 16.62 5.41 5.28
N GLY C 32 16.63 4.37 6.09
CA GLY C 32 17.70 4.13 7.04
C GLY C 32 18.86 3.36 6.42
N LEU C 33 19.83 3.05 7.27
CA LEU C 33 21.03 2.36 6.83
C LEU C 33 20.86 0.87 7.04
N ALA C 34 21.62 0.10 6.26
CA ALA C 34 21.54 -1.36 6.26
C ALA C 34 22.83 -1.90 5.67
N LEU C 35 22.81 -3.17 5.27
CA LEU C 35 23.97 -3.86 4.72
C LEU C 35 23.73 -4.19 3.25
N GLY C 36 24.80 -4.16 2.47
CA GLY C 36 24.75 -4.59 1.09
C GLY C 36 26.03 -5.30 0.72
N ARG C 37 26.25 -5.54 -0.57
CA ARG C 37 27.42 -6.27 -1.02
C ARG C 37 27.88 -5.67 -2.35
N LEU C 38 29.05 -6.09 -2.79
CA LEU C 38 29.60 -5.70 -4.08
C LEU C 38 29.61 -6.88 -5.04
N THR C 39 29.65 -6.54 -6.33
CA THR C 39 29.76 -7.55 -7.39
C THR C 39 30.90 -8.54 -7.11
N ASN C 40 32.07 -8.02 -6.75
CA ASN C 40 33.27 -8.82 -6.55
C ASN C 40 33.52 -9.17 -5.08
N GLN C 41 32.56 -8.94 -4.20
CA GLN C 41 32.81 -9.09 -2.76
C GLN C 41 31.48 -9.32 -2.05
N GLN C 42 31.28 -10.51 -1.53
CA GLN C 42 30.10 -10.78 -0.71
C GLN C 42 30.36 -10.48 0.77
N CYS C 43 31.60 -10.59 1.22
CA CYS C 43 31.96 -10.45 2.63
C CYS C 43 33.29 -9.70 2.73
N PRO C 44 33.42 -8.76 3.70
CA PRO C 44 32.40 -8.33 4.66
C PRO C 44 31.35 -7.50 3.93
N GLU C 45 30.20 -7.27 4.55
CA GLU C 45 29.18 -6.47 3.89
C GLU C 45 29.46 -4.98 4.07
N ILE C 46 29.11 -4.22 3.05
CA ILE C 46 29.29 -2.78 3.06
C ILE C 46 28.07 -2.14 3.71
N VAL C 47 28.22 -0.87 4.09
CA VAL C 47 27.15 -0.08 4.69
C VAL C 47 26.48 0.72 3.60
N VAL C 48 25.16 0.64 3.53
CA VAL C 48 24.41 1.37 2.52
C VAL C 48 23.25 2.08 3.20
N GLN C 49 22.69 3.05 2.48
CA GLN C 49 21.44 3.69 2.86
C GLN C 49 20.33 3.24 1.90
N ARG C 50 19.15 2.96 2.43
CA ARG C 50 18.02 2.63 1.58
C ARG C 50 17.58 3.85 0.76
N ARG C 51 17.25 3.62 -0.51
CA ARG C 51 16.63 4.68 -1.29
C ARG C 51 15.22 4.99 -0.81
N SER C 52 14.47 3.94 -0.42
CA SER C 52 13.07 4.11 -0.07
C SER C 52 12.90 4.64 1.35
N ASP C 53 12.08 5.70 1.50
CA ASP C 53 11.73 6.21 2.82
C ASP C 53 11.03 5.17 3.68
N LEU C 54 10.47 4.12 3.08
CA LEU C 54 9.69 3.17 3.83
C LEU C 54 10.56 2.23 4.64
N ASP C 55 11.81 2.04 4.23
CA ASP C 55 12.70 1.04 4.81
C ASP C 55 13.67 1.74 5.77
N ASN C 56 13.44 1.56 7.08
CA ASN C 56 14.34 2.03 8.12
C ASN C 56 15.62 1.19 8.26
N GLY C 57 15.83 0.21 7.38
CA GLY C 57 17.07 -0.54 7.40
C GLY C 57 17.20 -1.46 8.62
N ILE C 58 18.44 -1.64 9.06
CA ILE C 58 18.78 -2.56 10.14
C ILE C 58 19.19 -1.74 11.36
N PRO C 59 18.68 -2.04 12.55
CA PRO C 59 19.08 -1.28 13.73
C PRO C 59 20.56 -1.46 14.03
N VAL C 60 21.11 -0.46 14.74
CA VAL C 60 22.46 -0.52 15.26
C VAL C 60 22.40 -0.42 16.78
N VAL C 61 23.50 -0.81 17.41
CA VAL C 61 23.77 -0.47 18.81
C VAL C 61 25.06 0.33 18.85
N PHE C 62 25.19 1.13 19.90
CA PHE C 62 26.38 1.92 20.15
C PHE C 62 27.13 1.40 21.36
N TYR C 63 28.45 1.39 21.27
CA TYR C 63 29.30 1.00 22.37
C TYR C 63 30.16 2.19 22.77
N ASN C 64 30.18 2.49 24.06
CA ASN C 64 30.94 3.62 24.55
C ASN C 64 32.39 3.23 24.84
N LEU C 65 33.22 4.25 25.07
CA LEU C 65 34.62 4.02 25.43
C LEU C 65 34.74 3.20 26.71
N ASP C 66 34.12 3.69 27.79
CA ASP C 66 34.08 2.95 29.05
C ASP C 66 32.70 2.31 29.19
N SER C 67 32.68 1.02 29.55
CA SER C 67 31.42 0.30 29.62
C SER C 67 30.55 0.74 30.80
N ASN C 68 31.00 1.71 31.58
CA ASN C 68 30.23 2.18 32.73
C ASN C 68 29.45 3.46 32.44
N ASP C 69 29.75 4.17 31.36
CA ASP C 69 28.86 5.23 30.89
C ASP C 69 27.82 4.64 29.96
N ASP C 70 26.54 4.89 30.27
CA ASP C 70 25.44 4.39 29.46
C ASP C 70 24.68 5.51 28.76
N THR C 71 25.32 6.64 28.53
CA THR C 71 24.75 7.73 27.76
C THR C 71 25.61 7.96 26.53
N VAL C 72 24.96 8.06 25.38
CA VAL C 72 25.64 8.37 24.13
C VAL C 72 25.69 9.88 24.00
N ARG C 73 26.89 10.43 23.88
CA ARG C 73 27.07 11.86 23.86
C ARG C 73 27.78 12.28 22.58
N VAL C 74 27.57 13.54 22.21
CA VAL C 74 28.26 14.14 21.07
C VAL C 74 29.78 14.08 21.28
N SER C 75 30.52 14.01 20.16
CA SER C 75 31.97 14.23 20.15
C SER C 75 32.71 13.20 20.99
N THR C 76 32.19 11.98 21.00
CA THR C 76 32.70 10.90 21.83
C THR C 76 32.88 9.67 20.95
N ASP C 77 34.01 8.99 21.11
CA ASP C 77 34.33 7.86 20.25
C ASP C 77 33.44 6.67 20.57
N LEU C 78 32.84 6.11 19.52
CA LEU C 78 31.81 5.07 19.62
C LEU C 78 32.12 3.94 18.67
N ASN C 79 31.76 2.72 19.08
CA ASN C 79 31.63 1.59 18.17
C ASN C 79 30.18 1.53 17.68
N VAL C 80 30.01 1.22 16.41
CA VAL C 80 28.69 1.07 15.78
C VAL C 80 28.58 -0.33 15.19
N GLU C 81 27.55 -1.07 15.61
CA GLU C 81 27.35 -2.44 15.14
C GLU C 81 25.91 -2.63 14.68
N PHE C 82 25.75 -3.13 13.47
CA PHE C 82 24.43 -3.51 12.98
C PHE C 82 23.94 -4.75 13.74
N VAL C 83 22.69 -4.71 14.19
CA VAL C 83 22.08 -5.88 14.82
C VAL C 83 21.09 -6.54 13.86
N PRO C 84 21.55 -7.41 12.97
CA PRO C 84 20.63 -7.99 11.97
C PRO C 84 19.57 -8.88 12.62
N ILE C 85 18.36 -8.82 12.08
CA ILE C 85 17.24 -9.56 12.63
C ILE C 85 17.46 -11.07 12.48
N ARG C 86 18.10 -11.47 11.39
CA ARG C 86 18.40 -12.86 11.10
C ARG C 86 19.89 -13.03 10.88
N ASP C 87 20.37 -14.25 11.14
CA ASP C 87 21.77 -14.56 10.92
C ASP C 87 22.15 -14.27 9.47
N ARG C 88 23.41 -13.95 9.25
CA ARG C 88 23.91 -13.60 7.94
C ARG C 88 24.94 -14.62 7.48
N LEU C 89 25.12 -14.70 6.16
CA LEU C 89 26.07 -15.66 5.61
C LEU C 89 27.49 -15.32 6.02
N CYS C 90 27.85 -14.04 5.99
CA CYS C 90 29.22 -13.64 6.29
C CYS C 90 29.60 -13.97 7.73
N LEU C 91 30.84 -14.40 7.91
CA LEU C 91 31.38 -14.59 9.25
C LEU C 91 32.08 -13.35 9.77
N THR C 92 32.31 -12.35 8.91
CA THR C 92 32.81 -11.06 9.37
C THR C 92 31.80 -10.41 10.31
N SER C 93 32.30 -9.53 11.19
CA SER C 93 31.41 -8.83 12.09
C SER C 93 30.61 -7.77 11.32
N THR C 94 29.54 -7.29 11.97
CA THR C 94 28.74 -6.21 11.41
C THR C 94 29.06 -4.86 12.06
N VAL C 95 30.29 -4.71 12.58
CA VAL C 95 30.74 -3.48 13.24
C VAL C 95 31.30 -2.52 12.20
N TRP C 96 30.84 -1.27 12.23
CA TRP C 96 31.36 -0.27 11.30
C TRP C 96 32.86 -0.10 11.44
N LYS C 97 33.50 0.26 10.35
CA LYS C 97 34.95 0.41 10.29
C LYS C 97 35.33 1.14 9.00
N VAL C 98 36.23 2.12 9.10
CA VAL C 98 36.74 2.77 7.90
C VAL C 98 37.62 1.79 7.15
N ASP C 99 37.37 1.64 5.85
CA ASP C 99 38.10 0.72 4.98
C ASP C 99 39.50 1.28 4.66
N ASN C 100 40.34 0.41 4.11
CA ASN C 100 41.53 0.84 3.37
C ASN C 100 41.12 1.67 2.16
N TYR C 101 42.03 2.54 1.74
CA TYR C 101 41.76 3.46 0.63
C TYR C 101 41.44 2.71 -0.65
N ASP C 102 40.35 3.08 -1.32
CA ASP C 102 39.93 2.46 -2.57
C ASP C 102 40.59 3.19 -3.72
N THR C 103 41.66 2.60 -4.27
CA THR C 103 42.34 3.22 -5.42
C THR C 103 41.44 3.33 -6.64
N SER C 104 40.42 2.48 -6.78
CA SER C 104 39.58 2.54 -7.97
C SER C 104 38.60 3.71 -7.95
N THR C 105 38.28 4.26 -6.76
CA THR C 105 37.39 5.41 -6.65
C THR C 105 37.99 6.61 -5.93
N GLY C 106 39.13 6.46 -5.26
CA GLY C 106 39.63 7.55 -4.46
C GLY C 106 38.87 7.82 -3.18
N LYS C 107 38.04 6.89 -2.73
CA LYS C 107 37.23 7.09 -1.54
C LYS C 107 37.70 6.23 -0.38
N TRP C 108 37.46 6.73 0.83
CA TRP C 108 37.59 5.96 2.06
C TRP C 108 36.17 5.58 2.47
N TRP C 109 35.77 4.34 2.14
CA TRP C 109 34.40 3.89 2.41
C TRP C 109 34.24 3.47 3.87
N VAL C 110 32.98 3.48 4.32
CA VAL C 110 32.61 2.83 5.57
C VAL C 110 32.15 1.40 5.24
N THR C 111 32.82 0.42 5.83
CA THR C 111 32.49 -0.97 5.62
C THR C 111 32.30 -1.63 6.99
N THR C 112 32.19 -2.96 7.04
CA THR C 112 32.03 -3.60 8.34
C THR C 112 33.26 -4.46 8.66
N ASP C 113 33.08 -5.44 9.55
CA ASP C 113 34.13 -6.26 10.12
C ASP C 113 35.04 -5.47 11.05
N GLY C 114 34.56 -4.33 11.58
CA GLY C 114 35.24 -3.65 12.67
C GLY C 114 35.31 -4.49 13.93
N VAL C 115 35.73 -3.88 15.04
CA VAL C 115 35.92 -4.59 16.29
C VAL C 115 35.37 -3.75 17.43
N ILE C 116 34.93 -4.42 18.49
CA ILE C 116 34.27 -3.76 19.61
C ILE C 116 35.28 -3.47 20.71
N GLY C 117 35.33 -2.21 21.14
CA GLY C 117 36.15 -1.86 22.27
C GLY C 117 37.64 -2.01 22.02
N ASN C 118 38.38 -2.17 23.12
CA ASN C 118 39.83 -2.17 23.11
C ASN C 118 40.39 -0.94 22.39
N PRO C 119 40.07 0.26 22.86
CA PRO C 119 40.52 1.46 22.15
C PRO C 119 42.04 1.58 22.15
N GLY C 120 42.55 2.27 21.13
CA GLY C 120 43.97 2.32 20.88
C GLY C 120 44.28 2.04 19.42
N PRO C 121 45.57 1.90 19.11
CA PRO C 121 45.97 1.84 17.70
C PRO C 121 45.46 0.62 16.96
N HIS C 122 45.13 -0.48 17.65
CA HIS C 122 44.71 -1.69 16.97
C HIS C 122 43.26 -1.59 16.46
N THR C 123 42.42 -0.82 17.15
CA THR C 123 41.02 -0.69 16.78
C THR C 123 40.67 0.69 16.24
N LEU C 124 41.69 1.48 15.88
CA LEU C 124 41.50 2.86 15.47
C LEU C 124 40.40 3.02 14.43
N GLN C 125 40.34 2.10 13.46
CA GLN C 125 39.43 2.24 12.34
C GLN C 125 37.97 2.05 12.74
N SER C 126 37.70 1.52 13.93
CA SER C 126 36.34 1.21 14.38
C SER C 126 35.73 2.29 15.27
N TRP C 127 36.34 3.47 15.38
CA TRP C 127 35.87 4.48 16.32
C TRP C 127 35.23 5.63 15.54
N PHE C 128 33.99 5.94 15.87
CA PHE C 128 33.26 7.02 15.23
C PHE C 128 32.71 7.98 16.27
N LYS C 129 32.60 9.24 15.87
CA LYS C 129 31.96 10.26 16.69
C LYS C 129 30.64 10.66 16.03
N ILE C 130 29.67 11.05 16.85
CA ILE C 130 28.42 11.67 16.38
C ILE C 130 28.49 13.16 16.74
N GLU C 131 28.32 14.03 15.73
CA GLU C 131 28.34 15.47 15.92
C GLU C 131 26.97 16.07 15.64
N SER C 132 26.59 17.06 16.46
CA SER C 132 25.33 17.77 16.33
C SER C 132 25.34 18.70 15.11
N GLY C 133 24.16 19.26 14.81
CA GLY C 133 24.02 20.05 13.61
C GLY C 133 22.67 20.75 13.55
N ASN C 134 22.55 21.60 12.52
CA ASN C 134 21.27 22.23 12.21
C ASN C 134 20.26 21.20 11.72
N LEU C 135 20.61 20.47 10.65
CA LEU C 135 19.69 19.50 10.06
C LEU C 135 19.52 18.27 10.94
N GLY C 136 20.55 17.90 11.67
CA GLY C 136 20.49 16.74 12.53
C GLY C 136 21.90 16.29 12.87
N TYR C 137 22.00 15.05 13.33
CA TYR C 137 23.29 14.50 13.73
C TYR C 137 24.04 14.00 12.50
N LYS C 138 25.35 14.17 12.51
CA LYS C 138 26.19 13.69 11.43
C LYS C 138 27.39 12.95 12.00
N PHE C 139 27.72 11.82 11.38
CA PHE C 139 28.84 10.99 11.81
C PHE C 139 30.17 11.61 11.41
N ASN C 140 31.15 11.46 12.30
CA ASN C 140 32.48 12.00 12.06
C ASN C 140 33.49 10.94 12.43
N PHE C 141 34.45 10.67 11.52
CA PHE C 141 35.57 9.78 11.80
C PHE C 141 36.81 10.61 12.11
N CYS C 142 37.16 10.67 13.40
CA CYS C 142 38.33 11.40 13.87
C CYS C 142 38.73 10.86 15.24
N PRO C 143 39.24 9.63 15.29
CA PRO C 143 39.39 8.95 16.58
C PRO C 143 40.48 9.57 17.44
N SER C 144 40.27 9.50 18.76
CA SER C 144 41.22 10.04 19.74
C SER C 144 41.79 8.94 20.62
N VAL C 145 41.51 7.68 20.31
CA VAL C 145 41.94 6.59 21.16
C VAL C 145 43.45 6.37 21.14
N CYS C 146 44.18 7.08 20.27
CA CYS C 146 45.63 6.89 20.11
C CYS C 146 46.23 8.25 19.76
N GLU C 147 46.77 8.94 20.77
CA GLU C 147 47.22 10.33 20.60
C GLU C 147 48.37 10.45 19.62
N SER C 148 49.24 9.45 19.55
CA SER C 148 50.39 9.46 18.67
C SER C 148 50.15 8.76 17.32
N CYS C 149 48.93 8.31 17.04
CA CYS C 149 48.59 7.74 15.74
C CYS C 149 48.21 8.84 14.76
N ILE C 150 48.82 8.85 13.59
CA ILE C 150 48.29 9.63 12.48
C ILE C 150 46.96 9.05 12.05
N THR C 151 45.93 9.88 11.97
CA THR C 151 44.62 9.41 11.57
C THR C 151 43.99 10.38 10.57
N LEU C 152 43.12 9.83 9.74
CA LEU C 152 42.19 10.66 8.99
C LEU C 152 41.24 11.34 9.97
N CYS C 153 40.72 12.49 9.55
CA CYS C 153 39.79 13.23 10.39
C CYS C 153 38.78 13.86 9.44
N SER C 154 37.56 13.33 9.41
CA SER C 154 36.61 13.82 8.43
C SER C 154 35.19 13.42 8.81
N ASP C 155 34.24 14.11 8.20
CA ASP C 155 32.84 13.75 8.32
C ASP C 155 32.53 12.55 7.43
N ILE C 156 31.40 11.91 7.72
CA ILE C 156 30.91 10.80 6.92
C ILE C 156 29.81 11.34 6.03
N GLY C 157 30.09 11.46 4.74
CA GLY C 157 29.08 11.78 3.75
C GLY C 157 28.47 10.55 3.12
N ARG C 158 27.73 10.78 2.04
CA ARG C 158 27.05 9.74 1.29
C ARG C 158 27.33 9.93 -0.19
N TYR C 159 27.50 8.81 -0.90
CA TYR C 159 27.99 8.87 -2.28
C TYR C 159 27.54 7.61 -3.01
N GLY C 160 26.89 7.79 -4.15
CA GLY C 160 26.44 6.65 -4.91
C GLY C 160 27.61 5.89 -5.53
N ASN C 161 27.44 4.57 -5.63
CA ASN C 161 28.44 3.71 -6.24
C ASN C 161 27.76 2.46 -6.75
N ASP C 162 27.78 2.27 -8.07
CA ASP C 162 27.19 1.07 -8.69
C ASP C 162 25.77 0.80 -8.18
N GLY C 163 24.95 1.83 -8.12
CA GLY C 163 23.56 1.66 -7.80
C GLY C 163 23.22 1.63 -6.33
N GLN C 164 24.19 1.72 -5.44
CA GLN C 164 23.92 1.77 -4.00
C GLN C 164 24.45 3.06 -3.38
N MET C 165 23.74 3.53 -2.36
CA MET C 165 24.17 4.74 -1.63
C MET C 165 25.07 4.28 -0.50
N ARG C 166 26.36 4.52 -0.64
CA ARG C 166 27.36 4.11 0.34
C ARG C 166 27.74 5.30 1.24
N LEU C 167 28.42 4.99 2.34
CA LEU C 167 28.97 6.01 3.24
C LEU C 167 30.47 6.13 3.06
N ALA C 168 30.97 7.37 3.05
CA ALA C 168 32.40 7.59 2.89
C ALA C 168 32.82 8.91 3.53
N LEU C 169 34.13 9.05 3.73
CA LEU C 169 34.69 10.28 4.22
C LEU C 169 34.45 11.40 3.21
N ALA C 170 33.99 12.55 3.70
CA ALA C 170 33.71 13.70 2.85
C ALA C 170 33.86 14.99 3.66
N GLU C 171 33.94 16.12 2.94
CA GLU C 171 34.04 17.41 3.63
C GLU C 171 32.80 17.68 4.46
N SER C 172 31.61 17.60 3.84
CA SER C 172 30.35 17.84 4.53
C SER C 172 29.61 16.51 4.71
N GLY C 173 29.12 16.27 5.93
CA GLY C 173 28.53 14.99 6.26
C GLY C 173 27.03 14.94 5.98
N TRP C 174 26.48 13.69 5.99
CA TRP C 174 25.04 13.54 5.78
C TRP C 174 24.33 13.49 7.13
N PRO C 175 23.24 14.25 7.29
CA PRO C 175 22.56 14.31 8.60
C PRO C 175 21.60 13.15 8.83
N PHE C 176 21.60 12.64 10.07
CA PHE C 176 20.79 11.50 10.46
C PHE C 176 20.02 11.81 11.74
N VAL C 177 18.94 11.05 11.94
CA VAL C 177 18.22 11.03 13.20
C VAL C 177 18.17 9.58 13.66
N PHE C 178 17.76 9.36 14.90
CA PHE C 178 17.78 8.03 15.50
C PHE C 178 16.39 7.65 15.98
N LYS C 179 15.92 6.49 15.55
CA LYS C 179 14.60 5.98 15.88
C LYS C 179 14.75 4.70 16.67
N LYS C 180 14.09 4.61 17.83
CA LYS C 180 14.12 3.37 18.58
C LYS C 180 13.57 2.23 17.74
N ALA C 181 14.15 1.03 17.93
CA ALA C 181 13.69 -0.18 17.29
C ALA C 181 12.51 -0.80 18.05
N SER C 182 11.73 0.03 18.75
CA SER C 182 10.61 -0.42 19.56
C SER C 182 9.28 -0.35 18.79
N LYS D 1 -24.44 9.41 -9.03
CA LYS D 1 -24.34 8.06 -9.59
C LYS D 1 -22.95 7.47 -9.41
N ASN D 2 -22.00 8.30 -9.00
CA ASN D 2 -20.62 7.86 -8.81
C ASN D 2 -20.41 7.30 -7.41
N GLU D 3 -19.46 6.39 -7.30
CA GLU D 3 -19.29 5.62 -6.07
C GLU D 3 -18.83 6.52 -4.93
N PRO D 4 -19.48 6.45 -3.77
CA PRO D 4 -19.09 7.31 -2.65
C PRO D 4 -17.71 6.93 -2.11
N VAL D 5 -16.94 7.95 -1.73
CA VAL D 5 -15.68 7.76 -1.02
C VAL D 5 -15.99 7.29 0.39
N LEU D 6 -15.21 6.34 0.91
CA LEU D 6 -15.46 5.85 2.26
C LEU D 6 -14.33 6.23 3.20
N ASP D 7 -14.69 6.44 4.48
CA ASP D 7 -13.67 6.70 5.48
C ASP D 7 -13.20 5.37 6.07
N THR D 8 -12.41 5.44 7.14
CA THR D 8 -11.78 4.25 7.68
C THR D 8 -12.75 3.37 8.45
N ASP D 9 -13.94 3.86 8.79
CA ASP D 9 -14.97 3.01 9.37
C ASP D 9 -15.91 2.44 8.33
N GLY D 10 -15.67 2.69 7.04
CA GLY D 10 -16.60 2.31 6.00
C GLY D 10 -17.77 3.25 5.76
N ASP D 11 -17.80 4.43 6.37
CA ASP D 11 -18.89 5.36 6.15
C ASP D 11 -18.55 6.36 5.06
N GLU D 12 -19.56 6.74 4.28
CA GLU D 12 -19.35 7.67 3.18
C GLU D 12 -18.94 9.05 3.67
N LEU D 13 -18.03 9.67 2.94
CA LEU D 13 -17.58 11.02 3.22
C LEU D 13 -18.72 12.00 2.98
N ARG D 14 -19.00 12.84 3.98
CA ARG D 14 -20.03 13.85 3.89
C ARG D 14 -19.39 15.22 3.67
N ALA D 15 -19.86 15.93 2.64
CA ALA D 15 -19.40 17.28 2.38
C ALA D 15 -19.65 18.17 3.61
N GLY D 16 -18.60 18.80 4.11
CA GLY D 16 -18.69 19.67 5.27
C GLY D 16 -18.14 19.06 6.53
N GLU D 17 -18.17 17.74 6.66
CA GLU D 17 -17.62 17.11 7.85
C GLU D 17 -16.09 17.10 7.80
N GLN D 18 -15.47 16.83 8.94
CA GLN D 18 -14.02 16.95 9.06
C GLN D 18 -13.36 15.57 9.00
N TYR D 19 -12.30 15.48 8.20
CA TYR D 19 -11.60 14.23 8.01
C TYR D 19 -10.10 14.48 8.03
N TYR D 20 -9.38 13.69 8.81
CA TYR D 20 -7.93 13.62 8.61
C TYR D 20 -7.65 12.90 7.31
N VAL D 21 -6.59 13.33 6.64
CA VAL D 21 -6.06 12.70 5.44
C VAL D 21 -4.73 12.08 5.83
N VAL D 22 -4.67 10.74 5.91
CA VAL D 22 -3.53 10.04 6.48
C VAL D 22 -3.01 9.04 5.46
N SER D 23 -1.69 9.00 5.29
CA SER D 23 -1.10 8.08 4.32
C SER D 23 -1.57 6.63 4.54
N ALA D 24 -1.99 5.97 3.46
CA ALA D 24 -2.40 4.57 3.55
C ALA D 24 -1.23 3.64 3.80
N ILE D 25 -0.01 4.11 3.53
CA ILE D 25 1.24 3.42 3.83
C ILE D 25 1.81 4.07 5.10
N TRP D 26 1.84 3.33 6.20
CA TRP D 26 2.32 3.88 7.46
C TRP D 26 3.83 3.71 7.60
N GLY D 27 4.35 3.65 8.83
CA GLY D 27 5.79 3.58 9.01
C GLY D 27 6.51 4.79 8.43
N GLY D 28 7.56 4.53 7.67
CA GLY D 28 8.31 5.57 6.98
C GLY D 28 7.51 6.19 5.85
N GLY D 29 6.30 5.69 5.65
CA GLY D 29 5.34 6.34 4.75
C GLY D 29 4.76 7.64 5.29
N GLY D 30 4.86 7.87 6.59
CA GLY D 30 4.43 9.12 7.19
C GLY D 30 3.01 9.07 7.74
N GLY D 31 2.58 10.21 8.27
CA GLY D 31 1.26 10.31 8.87
C GLY D 31 0.34 11.15 8.02
N GLY D 32 -0.38 12.09 8.64
CA GLY D 32 -1.40 12.86 7.97
C GLY D 32 -0.92 14.23 7.46
N LEU D 33 -1.83 14.90 6.76
CA LEU D 33 -1.53 16.15 6.11
C LEU D 33 -1.78 17.34 7.05
N ALA D 34 -1.08 18.42 6.79
CA ALA D 34 -1.23 19.58 7.65
C ALA D 34 -0.89 20.84 6.87
N LEU D 35 -1.26 21.97 7.46
CA LEU D 35 -0.68 23.24 7.02
C LEU D 35 0.79 23.28 7.42
N GLY D 36 1.61 23.80 6.52
CA GLY D 36 2.99 24.13 6.85
C GLY D 36 3.38 25.50 6.31
N ARG D 37 4.63 25.88 6.57
CA ARG D 37 5.21 27.10 6.05
C ARG D 37 6.60 26.82 5.51
N LEU D 38 6.93 27.44 4.38
CA LEU D 38 8.31 27.39 3.93
C LEU D 38 9.18 28.29 4.81
N THR D 39 10.49 27.98 4.79
CA THR D 39 11.45 28.74 5.58
C THR D 39 11.31 30.25 5.37
N ASN D 40 11.14 30.70 4.12
CA ASN D 40 11.16 32.12 3.76
C ASN D 40 9.79 32.64 3.34
N GLN D 41 8.71 31.94 3.65
CA GLN D 41 7.39 32.42 3.27
C GLN D 41 6.39 32.01 4.33
N GLN D 42 5.78 33.01 4.96
CA GLN D 42 4.84 32.74 6.03
C GLN D 42 3.45 32.46 5.50
N CYS D 43 3.09 33.09 4.38
CA CYS D 43 1.75 33.17 3.82
C CYS D 43 1.87 33.25 2.31
N PRO D 44 1.07 32.47 1.55
CA PRO D 44 0.13 31.42 2.02
C PRO D 44 0.86 30.26 2.68
N GLU D 45 0.17 29.53 3.56
CA GLU D 45 0.71 28.28 4.04
C GLU D 45 0.76 27.27 2.90
N ILE D 46 1.65 26.30 3.03
CA ILE D 46 1.76 25.22 2.08
C ILE D 46 1.11 23.97 2.66
N VAL D 47 0.95 22.95 1.83
CA VAL D 47 0.46 21.63 2.24
C VAL D 47 1.64 20.72 2.46
N VAL D 48 1.78 20.20 3.68
CA VAL D 48 2.85 19.26 4.04
C VAL D 48 2.24 18.01 4.63
N GLN D 49 3.08 16.98 4.76
CA GLN D 49 2.72 15.75 5.43
C GLN D 49 3.56 15.60 6.70
N ARG D 50 2.89 15.31 7.81
CA ARG D 50 3.59 15.02 9.06
C ARG D 50 4.40 13.73 8.94
N ARG D 51 5.60 13.74 9.51
CA ARG D 51 6.51 12.60 9.33
C ARG D 51 6.09 11.39 10.14
N SER D 52 5.52 11.60 11.33
CA SER D 52 5.17 10.50 12.23
C SER D 52 3.84 9.87 11.83
N ASP D 53 3.84 8.54 11.66
CA ASP D 53 2.58 7.91 11.29
C ASP D 53 1.59 7.84 12.45
N LEU D 54 1.95 8.36 13.64
CA LEU D 54 1.02 8.58 14.74
C LEU D 54 0.33 9.93 14.65
N ASP D 55 0.84 10.82 13.82
CA ASP D 55 0.33 12.19 13.74
C ASP D 55 -0.69 12.28 12.61
N ASN D 56 -1.97 12.36 12.98
CA ASN D 56 -3.02 12.52 11.99
C ASN D 56 -3.01 13.89 11.33
N GLY D 57 -2.15 14.81 11.78
CA GLY D 57 -2.13 16.13 11.19
C GLY D 57 -3.41 16.92 11.45
N ILE D 58 -3.77 17.75 10.48
CA ILE D 58 -4.87 18.71 10.59
C ILE D 58 -5.98 18.29 9.63
N PRO D 59 -7.23 18.16 10.08
CA PRO D 59 -8.29 17.67 9.20
C PRO D 59 -8.68 18.70 8.14
N VAL D 60 -9.29 18.19 7.07
CA VAL D 60 -9.83 19.00 6.00
C VAL D 60 -11.34 18.89 5.99
N VAL D 61 -11.96 19.72 5.16
CA VAL D 61 -13.38 19.65 4.85
C VAL D 61 -13.49 19.68 3.33
N PHE D 62 -14.38 18.87 2.76
CA PHE D 62 -14.58 18.82 1.33
C PHE D 62 -15.85 19.56 0.92
N TYR D 63 -15.78 20.22 -0.24
CA TYR D 63 -16.90 20.98 -0.79
C TYR D 63 -17.21 20.48 -2.20
N ASN D 64 -18.44 19.98 -2.40
CA ASN D 64 -18.89 19.51 -3.71
C ASN D 64 -19.21 20.70 -4.62
N LEU D 65 -19.48 20.37 -5.90
CA LEU D 65 -19.88 21.37 -6.87
C LEU D 65 -21.26 21.94 -6.57
N ASP D 66 -22.24 21.08 -6.35
CA ASP D 66 -23.59 21.51 -5.94
C ASP D 66 -23.70 21.26 -4.45
N SER D 67 -23.97 22.33 -3.68
CA SER D 67 -24.10 22.20 -2.24
C SER D 67 -25.29 21.33 -1.82
N ASN D 68 -25.99 20.71 -2.77
CA ASN D 68 -27.12 19.85 -2.47
C ASN D 68 -26.75 18.38 -2.34
N ASP D 69 -25.87 17.85 -3.20
CA ASP D 69 -25.29 16.54 -2.93
C ASP D 69 -24.35 16.65 -1.74
N ASP D 70 -24.60 15.84 -0.71
CA ASP D 70 -23.76 15.85 0.47
C ASP D 70 -22.78 14.70 0.52
N THR D 71 -22.86 13.78 -0.44
CA THR D 71 -21.96 12.64 -0.52
C THR D 71 -20.74 12.99 -1.35
N VAL D 72 -19.56 12.74 -0.79
CA VAL D 72 -18.32 12.85 -1.56
C VAL D 72 -18.13 11.57 -2.35
N ARG D 73 -18.02 11.70 -3.68
CA ARG D 73 -17.94 10.56 -4.59
C ARG D 73 -16.65 10.63 -5.40
N VAL D 74 -16.16 9.47 -5.83
CA VAL D 74 -14.90 9.44 -6.57
C VAL D 74 -15.09 10.13 -7.90
N SER D 75 -13.96 10.58 -8.47
CA SER D 75 -13.89 11.14 -9.81
C SER D 75 -14.78 12.37 -10.01
N THR D 76 -15.12 13.11 -8.94
CA THR D 76 -15.87 14.35 -9.06
C THR D 76 -15.04 15.51 -8.51
N ASP D 77 -15.09 16.64 -9.22
CA ASP D 77 -14.37 17.85 -8.81
C ASP D 77 -14.92 18.39 -7.48
N LEU D 78 -14.01 18.75 -6.57
CA LEU D 78 -14.38 19.30 -5.28
C LEU D 78 -13.23 20.16 -4.76
N ASN D 79 -13.53 20.96 -3.72
CA ASN D 79 -12.55 21.78 -3.03
C ASN D 79 -12.12 21.11 -1.73
N VAL D 80 -10.83 21.25 -1.40
CA VAL D 80 -10.26 20.75 -0.16
C VAL D 80 -9.79 21.94 0.68
N GLU D 81 -10.21 21.98 1.96
CA GLU D 81 -9.90 23.11 2.83
C GLU D 81 -9.54 22.65 4.24
N PHE D 82 -8.31 22.90 4.65
CA PHE D 82 -7.92 22.58 6.02
C PHE D 82 -8.80 23.32 7.04
N VAL D 83 -9.03 22.66 8.16
CA VAL D 83 -9.55 23.32 9.36
C VAL D 83 -8.49 24.29 9.90
N PRO D 84 -8.83 25.54 10.15
CA PRO D 84 -7.75 26.52 10.45
C PRO D 84 -7.18 26.37 11.87
N ILE D 85 -6.50 25.23 12.10
CA ILE D 85 -5.77 25.06 13.35
C ILE D 85 -4.40 25.69 13.11
N ARG D 86 -4.35 27.02 13.16
CA ARG D 86 -3.15 27.78 12.84
C ARG D 86 -3.11 29.05 13.70
N ASP D 87 -2.00 29.75 13.63
CA ASP D 87 -1.96 31.07 14.24
C ASP D 87 -2.70 32.06 13.35
N ARG D 88 -2.85 33.28 13.84
CA ARG D 88 -3.61 34.30 13.14
C ARG D 88 -2.73 35.16 12.22
N LEU D 89 -1.56 34.64 11.82
CA LEU D 89 -0.63 35.45 11.03
C LEU D 89 -1.04 35.58 9.57
N CYS D 90 -1.72 34.57 9.00
CA CYS D 90 -2.03 34.56 7.58
C CYS D 90 -3.47 35.00 7.34
N LEU D 91 -3.67 35.87 6.37
CA LEU D 91 -4.99 36.21 5.88
C LEU D 91 -5.42 35.32 4.73
N THR D 92 -4.48 34.59 4.14
CA THR D 92 -4.75 33.71 3.00
C THR D 92 -5.67 32.56 3.41
N SER D 93 -6.44 32.06 2.44
CA SER D 93 -7.32 30.91 2.72
C SER D 93 -6.51 29.63 2.94
N THR D 94 -7.13 28.65 3.60
CA THR D 94 -6.56 27.32 3.74
C THR D 94 -7.11 26.34 2.70
N VAL D 95 -7.61 26.85 1.58
CA VAL D 95 -8.15 26.03 0.51
C VAL D 95 -7.01 25.56 -0.37
N TRP D 96 -6.93 24.24 -0.63
CA TRP D 96 -5.91 23.73 -1.52
C TRP D 96 -6.06 24.35 -2.90
N LYS D 97 -4.95 24.41 -3.62
CA LYS D 97 -4.91 24.92 -4.98
C LYS D 97 -3.55 24.60 -5.55
N VAL D 98 -3.54 24.37 -6.86
CA VAL D 98 -2.31 24.08 -7.58
C VAL D 98 -1.58 25.39 -7.88
N ASP D 99 -0.29 25.42 -7.54
CA ASP D 99 0.54 26.59 -7.70
C ASP D 99 0.90 26.80 -9.17
N ASN D 100 1.48 27.96 -9.46
CA ASN D 100 2.18 28.15 -10.71
C ASN D 100 3.40 27.25 -10.75
N TYR D 101 3.81 26.90 -11.97
CA TYR D 101 5.00 26.08 -12.15
C TYR D 101 6.18 26.67 -11.40
N ASP D 102 6.89 25.82 -10.66
CA ASP D 102 8.05 26.24 -9.88
C ASP D 102 9.32 25.91 -10.68
N THR D 103 9.94 26.94 -11.28
CA THR D 103 11.10 26.75 -12.15
C THR D 103 12.32 26.25 -11.40
N SER D 104 12.37 26.41 -10.09
CA SER D 104 13.59 25.99 -9.41
C SER D 104 13.59 24.49 -9.10
N THR D 105 12.44 23.82 -9.22
CA THR D 105 12.31 22.39 -8.93
C THR D 105 11.66 21.57 -10.02
N GLY D 106 11.02 22.17 -11.01
CA GLY D 106 10.28 21.40 -11.99
C GLY D 106 8.94 20.87 -11.52
N LYS D 107 8.41 21.37 -10.39
CA LYS D 107 7.22 20.81 -9.76
C LYS D 107 6.03 21.75 -9.86
N TRP D 108 4.84 21.15 -9.91
CA TRP D 108 3.57 21.85 -9.75
C TRP D 108 3.10 21.55 -8.32
N TRP D 109 3.28 22.51 -7.41
CA TRP D 109 2.98 22.26 -6.00
C TRP D 109 1.51 22.44 -5.68
N VAL D 110 1.06 21.71 -4.66
CA VAL D 110 -0.20 22.02 -4.00
C VAL D 110 0.08 23.05 -2.92
N THR D 111 -0.61 24.18 -2.97
CA THR D 111 -0.45 25.19 -1.93
C THR D 111 -1.83 25.53 -1.40
N THR D 112 -1.96 26.55 -0.56
CA THR D 112 -3.28 26.97 -0.14
C THR D 112 -3.59 28.34 -0.76
N ASP D 113 -4.49 29.09 -0.11
CA ASP D 113 -5.13 30.28 -0.67
C ASP D 113 -5.91 29.98 -1.94
N GLY D 114 -6.48 28.79 -2.05
CA GLY D 114 -7.44 28.51 -3.09
C GLY D 114 -8.77 29.15 -2.74
N VAL D 115 -9.75 28.93 -3.60
CA VAL D 115 -11.08 29.51 -3.44
C VAL D 115 -12.13 28.41 -3.53
N ILE D 116 -13.23 28.61 -2.82
CA ILE D 116 -14.31 27.63 -2.74
C ILE D 116 -15.42 28.04 -3.71
N GLY D 117 -15.92 27.06 -4.46
CA GLY D 117 -17.08 27.30 -5.30
C GLY D 117 -16.74 28.01 -6.59
N ASN D 118 -17.81 28.46 -7.26
CA ASN D 118 -17.71 29.21 -8.51
C ASN D 118 -16.91 28.44 -9.56
N PRO D 119 -17.36 27.24 -9.94
CA PRO D 119 -16.60 26.45 -10.91
C PRO D 119 -16.56 27.11 -12.27
N GLY D 120 -15.41 26.99 -12.93
CA GLY D 120 -15.17 27.58 -14.21
C GLY D 120 -13.69 27.85 -14.40
N PRO D 121 -13.35 28.62 -15.43
CA PRO D 121 -11.92 28.96 -15.64
C PRO D 121 -11.32 29.81 -14.53
N HIS D 122 -12.12 30.59 -13.81
N HIS D 122 -12.12 30.59 -13.81
CA HIS D 122 -11.56 31.51 -12.82
CA HIS D 122 -11.53 31.50 -12.83
C HIS D 122 -11.04 30.78 -11.58
C HIS D 122 -11.00 30.76 -11.61
N THR D 123 -11.57 29.59 -11.29
CA THR D 123 -11.18 28.85 -10.09
C THR D 123 -10.61 27.49 -10.42
N LEU D 124 -10.25 27.27 -11.68
CA LEU D 124 -9.81 25.97 -12.17
C LEU D 124 -8.76 25.30 -11.28
N GLN D 125 -7.86 26.09 -10.68
CA GLN D 125 -6.76 25.54 -9.92
C GLN D 125 -7.16 25.00 -8.55
N SER D 126 -8.42 25.20 -8.14
CA SER D 126 -8.85 24.85 -6.80
C SER D 126 -9.69 23.58 -6.74
N TRP D 127 -9.78 22.83 -7.85
CA TRP D 127 -10.67 21.68 -7.98
C TRP D 127 -9.84 20.39 -8.05
N PHE D 128 -10.06 19.50 -7.09
CA PHE D 128 -9.36 18.22 -7.03
C PHE D 128 -10.36 17.08 -7.08
N LYS D 129 -9.91 15.93 -7.54
CA LYS D 129 -10.73 14.73 -7.53
C LYS D 129 -10.10 13.70 -6.60
N ILE D 130 -10.95 12.90 -5.97
CA ILE D 130 -10.52 11.72 -5.24
C ILE D 130 -10.75 10.49 -6.12
N GLU D 131 -9.69 9.71 -6.35
CA GLU D 131 -9.75 8.46 -7.08
C GLU D 131 -9.33 7.29 -6.20
N SER D 132 -9.90 6.12 -6.51
CA SER D 132 -9.46 4.87 -5.91
C SER D 132 -7.99 4.61 -6.27
N GLY D 133 -7.21 4.19 -5.27
CA GLY D 133 -5.87 3.70 -5.49
C GLY D 133 -5.81 2.18 -5.39
N ASN D 134 -4.60 1.64 -5.56
CA ASN D 134 -4.37 0.21 -5.28
C ASN D 134 -4.84 -0.11 -3.87
N LEU D 135 -4.69 0.86 -2.96
CA LEU D 135 -5.36 0.87 -1.68
C LEU D 135 -5.71 2.33 -1.38
N GLY D 136 -6.57 2.52 -0.39
CA GLY D 136 -7.12 3.82 -0.12
C GLY D 136 -7.44 4.61 -1.37
N TYR D 137 -7.11 5.91 -1.31
CA TYR D 137 -7.51 6.87 -2.34
C TYR D 137 -6.36 7.83 -2.62
N LYS D 138 -6.32 8.32 -3.85
CA LYS D 138 -5.34 9.30 -4.28
C LYS D 138 -6.07 10.55 -4.75
N PHE D 139 -5.44 11.70 -4.50
CA PHE D 139 -5.95 12.91 -5.12
C PHE D 139 -5.46 12.98 -6.55
N ASN D 140 -6.22 13.72 -7.35
CA ASN D 140 -5.93 13.79 -8.77
C ASN D 140 -6.38 15.17 -9.25
N PHE D 141 -5.46 15.90 -9.86
CA PHE D 141 -5.78 17.22 -10.39
C PHE D 141 -6.05 17.08 -11.88
N CYS D 142 -7.30 17.15 -12.23
CA CYS D 142 -7.70 17.02 -13.62
C CYS D 142 -9.09 17.63 -13.77
N PRO D 143 -9.24 18.93 -13.51
CA PRO D 143 -10.58 19.50 -13.40
C PRO D 143 -11.31 19.52 -14.74
N SER D 144 -12.64 19.41 -14.66
CA SER D 144 -13.48 19.50 -15.84
C SER D 144 -14.51 20.62 -15.70
N VAL D 145 -14.28 21.55 -14.77
CA VAL D 145 -15.19 22.67 -14.56
C VAL D 145 -15.21 23.65 -15.72
N CYS D 146 -14.31 23.50 -16.68
CA CYS D 146 -14.22 24.40 -17.83
C CYS D 146 -13.84 23.55 -19.03
N GLU D 147 -14.84 23.18 -19.83
CA GLU D 147 -14.61 22.23 -20.93
C GLU D 147 -13.56 22.75 -21.92
N SER D 148 -13.57 24.06 -22.18
CA SER D 148 -12.69 24.66 -23.16
C SER D 148 -11.29 24.95 -22.63
N CYS D 149 -11.08 24.91 -21.32
CA CYS D 149 -9.76 25.18 -20.77
C CYS D 149 -8.82 24.00 -21.01
N ILE D 150 -7.69 24.28 -21.64
CA ILE D 150 -6.54 23.37 -21.56
C ILE D 150 -6.03 23.33 -20.13
N THR D 151 -5.85 22.13 -19.60
CA THR D 151 -5.53 21.97 -18.19
C THR D 151 -4.50 20.87 -17.99
N LEU D 152 -3.78 20.94 -16.87
CA LEU D 152 -2.99 19.81 -16.43
C LEU D 152 -3.94 18.72 -15.97
N CYS D 153 -3.49 17.46 -16.05
CA CYS D 153 -4.33 16.31 -15.67
C CYS D 153 -3.40 15.24 -15.10
N SER D 154 -3.40 15.09 -13.78
CA SER D 154 -2.30 14.36 -13.16
C SER D 154 -2.68 13.98 -11.73
N ASP D 155 -2.09 12.88 -11.27
CA ASP D 155 -2.20 12.47 -9.88
C ASP D 155 -1.39 13.42 -8.98
N ILE D 156 -1.70 13.37 -7.68
CA ILE D 156 -0.94 14.07 -6.64
C ILE D 156 -0.07 13.05 -5.92
N GLY D 157 1.25 13.20 -6.03
CA GLY D 157 2.19 12.49 -5.21
C GLY D 157 2.87 13.39 -4.19
N ARG D 158 3.90 12.84 -3.56
CA ARG D 158 4.68 13.51 -2.54
C ARG D 158 6.06 13.82 -3.08
N TYR D 159 6.66 14.89 -2.55
CA TYR D 159 8.00 15.30 -2.98
C TYR D 159 8.65 16.21 -1.95
N GLY D 160 9.96 16.04 -1.80
CA GLY D 160 10.71 16.84 -0.84
C GLY D 160 10.90 18.27 -1.33
N ASN D 161 10.78 19.22 -0.40
CA ASN D 161 11.04 20.63 -0.67
C ASN D 161 11.26 21.33 0.67
N ASP D 162 12.27 22.19 0.73
CA ASP D 162 12.53 22.98 1.93
C ASP D 162 12.62 22.10 3.18
N GLY D 163 13.25 20.92 3.03
CA GLY D 163 13.35 19.99 4.12
C GLY D 163 12.02 19.46 4.64
N GLN D 164 10.96 19.55 3.84
CA GLN D 164 9.63 19.11 4.24
C GLN D 164 9.06 18.22 3.14
N MET D 165 7.99 17.49 3.48
CA MET D 165 7.30 16.61 2.53
C MET D 165 6.08 17.36 1.99
N ARG D 166 6.10 17.67 0.71
CA ARG D 166 5.03 18.42 0.08
C ARG D 166 4.21 17.53 -0.86
N LEU D 167 3.08 18.06 -1.30
CA LEU D 167 2.28 17.43 -2.35
C LEU D 167 2.53 18.16 -3.65
N ALA D 168 2.70 17.40 -4.72
CA ALA D 168 2.89 17.96 -6.06
C ALA D 168 2.30 17.00 -7.09
N LEU D 169 1.97 17.54 -8.26
CA LEU D 169 1.59 16.71 -9.39
C LEU D 169 2.64 15.65 -9.64
N ALA D 170 2.18 14.44 -9.96
CA ALA D 170 3.08 13.31 -10.11
C ALA D 170 2.44 12.24 -11.00
N GLU D 171 3.28 11.42 -11.61
CA GLU D 171 2.75 10.33 -12.44
C GLU D 171 1.84 9.40 -11.63
N SER D 172 2.35 8.85 -10.52
CA SER D 172 1.55 7.96 -9.66
C SER D 172 1.21 8.65 -8.35
N GLY D 173 -0.08 8.75 -8.08
CA GLY D 173 -0.54 9.33 -6.83
C GLY D 173 -0.12 8.54 -5.62
N TRP D 174 -0.08 9.24 -4.47
CA TRP D 174 0.17 8.64 -3.17
C TRP D 174 -1.14 8.29 -2.51
N PRO D 175 -1.26 7.13 -1.87
CA PRO D 175 -2.57 6.71 -1.38
C PRO D 175 -2.84 7.17 0.04
N PHE D 176 -4.06 7.66 0.25
CA PHE D 176 -4.49 8.15 1.55
C PHE D 176 -5.78 7.44 1.95
N VAL D 177 -6.01 7.40 3.26
CA VAL D 177 -7.31 7.11 3.83
C VAL D 177 -7.84 8.36 4.56
N PHE D 178 -9.09 8.27 5.01
CA PHE D 178 -9.80 9.38 5.63
C PHE D 178 -10.40 8.92 6.95
N LYS D 179 -10.06 9.63 8.03
CA LYS D 179 -10.60 9.32 9.35
C LYS D 179 -11.45 10.48 9.83
N LYS D 180 -12.65 10.17 10.32
CA LYS D 180 -13.47 11.18 10.98
C LYS D 180 -12.64 11.90 12.05
N ALA D 181 -12.78 13.23 12.10
CA ALA D 181 -12.03 14.03 13.06
C ALA D 181 -12.65 13.99 14.46
N SER D 182 -13.97 13.89 14.56
CA SER D 182 -14.67 13.63 15.82
C SER D 182 -14.00 12.54 16.67
#